data_2NZX
#
_entry.id   2NZX
#
_cell.length_a   104.154
_cell.length_b   136.249
_cell.length_c   96.375
_cell.angle_alpha   90.00
_cell.angle_beta   90.00
_cell.angle_gamma   90.00
#
_symmetry.space_group_name_H-M   'P 21 21 2'
#
loop_
_entity.id
_entity.type
_entity.pdbx_description
1 polymer Alpha1,3-fucosyltransferase
2 non-polymer "GUANOSINE-5'-DIPHOSPHATE"
3 non-polymer 'SULFATE ION'
4 water water
#
_entity_poly.entity_id   1
_entity_poly.type   'polypeptide(L)'
_entity_poly.pdbx_seq_one_letter_code
;MFQPLLDAYVESASIEKMASKSPPPLKIAVANWWGDEEIKEFKNSVLYFILSQRYTITLHQNPNEFSDLVFGNPLGSARK
ILSYQNAKRVFYTGENESPNFNLFDYAIGFDELDFNDRYLRMPLYYDRLHHKAESVNDTTAPYKLKDNSLYALKKPSHCF
KEKHPNLCAVVNDESDPLKRGFASFVASNPNAPIRNAFYDALNSIEPVTGGGSVRNTLGYNVKNKNEFLSQYKFNLCFEN
TQGYGYVTEKIIDAYFSHTIPIYWGSPSVAKDFNPKSFVNVHDFKNFDEAIDYIKYLHTHKNAYLDMLYENPLNTLDGKA
YFYQNLSFKKILAFFKTILENDTIYHDNPFIFCRDLNEPLVTILEHHHHHH
;
_entity_poly.pdbx_strand_id   A,B,C
#
# COMPACT_ATOMS: atom_id res chain seq x y z
N MET A 1 -10.62 -42.77 9.60
CA MET A 1 -9.18 -43.11 9.47
C MET A 1 -8.41 -41.82 9.48
N PHE A 2 -7.95 -41.41 10.64
CA PHE A 2 -7.23 -40.15 10.73
C PHE A 2 -5.81 -40.20 10.13
N GLN A 3 -5.12 -41.35 10.28
CA GLN A 3 -3.76 -41.48 9.78
C GLN A 3 -3.47 -40.92 8.36
N PRO A 4 -4.31 -41.24 7.36
CA PRO A 4 -3.92 -40.66 6.07
C PRO A 4 -4.05 -39.09 6.03
N LEU A 5 -4.99 -38.55 6.81
CA LEU A 5 -5.22 -37.09 6.90
C LEU A 5 -3.98 -36.45 7.54
N LEU A 6 -3.48 -37.13 8.57
CA LEU A 6 -2.32 -36.61 9.27
C LEU A 6 -1.13 -36.69 8.36
N ASP A 7 -1.10 -37.72 7.52
CA ASP A 7 0.00 -37.88 6.56
C ASP A 7 -0.06 -36.74 5.54
N ALA A 8 -1.24 -36.42 5.03
CA ALA A 8 -1.30 -35.32 4.06
C ALA A 8 -0.96 -34.00 4.75
N TYR A 9 -1.47 -33.82 5.97
CA TYR A 9 -1.20 -32.56 6.69
C TYR A 9 0.31 -32.41 6.84
N VAL A 10 0.97 -33.47 7.30
CA VAL A 10 2.43 -33.37 7.46
C VAL A 10 3.14 -33.05 6.13
N GLU A 11 2.73 -33.66 5.04
CA GLU A 11 3.41 -33.32 3.80
C GLU A 11 3.15 -31.83 3.44
N SER A 12 1.92 -31.37 3.69
CA SER A 12 1.53 -29.96 3.41
C SER A 12 2.35 -28.97 4.27
N ALA A 13 3.00 -29.46 5.32
CA ALA A 13 3.77 -28.63 6.21
C ALA A 13 5.21 -28.67 5.81
N SER A 14 5.51 -29.32 4.70
CA SER A 14 6.90 -29.39 4.32
C SER A 14 7.37 -28.18 3.53
N ILE A 15 8.45 -27.54 4.01
CA ILE A 15 9.07 -26.39 3.38
C ILE A 15 10.59 -26.53 3.63
N GLU A 16 11.39 -25.76 2.92
CA GLU A 16 12.82 -25.83 3.16
C GLU A 16 13.24 -25.25 4.53
N LYS A 17 14.24 -25.86 5.15
CA LYS A 17 14.77 -25.41 6.44
C LYS A 17 15.49 -24.07 6.27
N MET A 18 15.16 -23.12 7.14
CA MET A 18 15.77 -21.80 7.06
C MET A 18 17.30 -21.88 7.12
N ALA A 19 17.93 -21.28 6.12
CA ALA A 19 19.37 -21.25 6.01
C ALA A 19 20.07 -20.45 7.12
N SER A 20 20.67 -21.19 8.05
CA SER A 20 21.47 -20.68 9.17
C SER A 20 20.97 -19.72 10.27
N LYS A 21 19.70 -19.83 10.65
CA LYS A 21 19.16 -19.01 11.75
C LYS A 21 19.32 -17.49 11.67
N SER A 22 19.04 -16.90 10.50
CA SER A 22 19.10 -15.44 10.36
C SER A 22 17.66 -14.94 9.99
N PRO A 23 16.61 -15.35 10.77
CA PRO A 23 15.22 -14.94 10.46
C PRO A 23 14.87 -13.52 10.74
N PRO A 24 14.60 -12.76 9.67
CA PRO A 24 14.25 -11.35 9.78
C PRO A 24 13.08 -11.05 10.72
N PRO A 25 13.15 -9.88 11.35
CA PRO A 25 12.12 -9.44 12.30
C PRO A 25 10.74 -9.20 11.69
N LEU A 26 9.69 -9.65 12.35
CA LEU A 26 8.34 -9.39 11.89
C LEU A 26 7.59 -8.93 13.13
N LYS A 27 7.09 -7.70 13.12
CA LYS A 27 6.36 -7.11 14.27
C LYS A 27 4.90 -7.15 13.95
N ILE A 28 4.12 -7.81 14.80
CA ILE A 28 2.71 -7.97 14.59
C ILE A 28 1.93 -7.41 15.74
N ALA A 29 0.97 -6.53 15.42
CA ALA A 29 0.13 -5.96 16.46
C ALA A 29 -1.08 -6.86 16.63
N VAL A 30 -1.44 -7.19 17.87
CA VAL A 30 -2.59 -8.05 18.18
C VAL A 30 -3.47 -7.40 19.24
N ALA A 31 -4.60 -8.05 19.57
CA ALA A 31 -5.58 -7.46 20.52
C ALA A 31 -4.96 -6.89 21.78
N ASN A 32 -5.29 -5.64 22.09
CA ASN A 32 -4.76 -5.00 23.28
C ASN A 32 -5.29 -5.60 24.59
N TRP A 33 -6.51 -6.18 24.53
CA TRP A 33 -7.14 -6.80 25.69
C TRP A 33 -6.61 -8.19 26.01
N TRP A 34 -5.95 -8.85 25.05
CA TRP A 34 -5.40 -10.17 25.32
C TRP A 34 -4.51 -10.25 26.53
N GLY A 35 -4.71 -11.30 27.31
CA GLY A 35 -3.87 -11.51 28.48
C GLY A 35 -2.86 -12.54 28.07
N ASP A 36 -1.99 -12.92 29.00
CA ASP A 36 -0.97 -13.90 28.72
C ASP A 36 -1.53 -15.25 28.21
N GLU A 37 -2.75 -15.61 28.62
CA GLU A 37 -3.40 -16.83 28.15
C GLU A 37 -3.76 -16.79 26.67
N GLU A 38 -4.32 -15.66 26.18
CA GLU A 38 -4.65 -15.57 24.76
C GLU A 38 -3.35 -15.45 23.95
N ILE A 39 -2.33 -14.82 24.51
CA ILE A 39 -1.05 -14.68 23.82
C ILE A 39 -0.45 -16.09 23.65
N LYS A 40 -0.45 -16.87 24.74
CA LYS A 40 0.04 -18.25 24.70
C LYS A 40 -0.70 -19.00 23.60
N GLU A 41 -2.01 -18.91 23.60
CA GLU A 41 -2.77 -19.60 22.58
C GLU A 41 -2.30 -19.12 21.21
N PHE A 42 -2.16 -17.80 21.03
CA PHE A 42 -1.74 -17.35 19.70
C PHE A 42 -0.35 -17.86 19.25
N LYS A 43 0.61 -17.83 20.16
CA LYS A 43 1.95 -18.30 19.87
C LYS A 43 1.90 -19.78 19.52
N ASN A 44 0.78 -20.44 19.80
CA ASN A 44 0.66 -21.85 19.47
C ASN A 44 -0.28 -22.16 18.30
N SER A 45 -0.80 -21.10 17.63
CA SER A 45 -1.72 -21.27 16.51
C SER A 45 -0.93 -21.62 15.27
N VAL A 46 -1.57 -22.22 14.28
CA VAL A 46 -0.81 -22.60 13.08
C VAL A 46 -0.20 -21.38 12.34
N LEU A 47 -0.96 -20.31 12.24
CA LEU A 47 -0.42 -19.13 11.50
C LEU A 47 0.89 -18.66 12.13
N TYR A 48 0.93 -18.61 13.46
CA TYR A 48 2.12 -18.13 14.16
C TYR A 48 3.25 -19.15 13.95
N PHE A 49 2.89 -20.42 14.07
CA PHE A 49 3.85 -21.50 13.91
C PHE A 49 4.46 -21.40 12.53
N ILE A 50 3.60 -21.22 11.51
CA ILE A 50 4.14 -21.14 10.14
C ILE A 50 5.06 -19.92 9.95
N LEU A 51 4.65 -18.76 10.43
CA LEU A 51 5.48 -17.57 10.24
C LEU A 51 6.78 -17.67 11.02
N SER A 52 6.74 -18.23 12.22
CA SER A 52 7.96 -18.32 13.01
C SER A 52 9.01 -19.17 12.28
N GLN A 53 8.63 -19.88 11.20
CA GLN A 53 9.62 -20.68 10.46
C GLN A 53 10.43 -19.76 9.53
N ARG A 54 9.95 -18.53 9.33
CA ARG A 54 10.69 -17.64 8.41
C ARG A 54 10.97 -16.25 8.95
N TYR A 55 10.54 -16.00 10.16
CA TYR A 55 10.68 -14.67 10.73
C TYR A 55 10.80 -14.78 12.20
N THR A 56 11.47 -13.78 12.79
CA THR A 56 11.59 -13.69 14.22
C THR A 56 10.46 -12.74 14.60
N ILE A 57 9.44 -13.31 15.21
CA ILE A 57 8.25 -12.58 15.58
C ILE A 57 8.26 -11.89 16.91
N THR A 58 7.78 -10.64 16.92
CA THR A 58 7.59 -9.82 18.11
C THR A 58 6.09 -9.46 18.11
N LEU A 59 5.35 -9.64 19.20
CA LEU A 59 3.95 -9.27 19.23
C LEU A 59 3.84 -7.88 19.89
N HIS A 60 2.92 -7.02 19.40
CA HIS A 60 2.76 -5.70 19.99
C HIS A 60 1.34 -5.51 20.48
N GLN A 61 1.19 -5.07 21.72
CA GLN A 61 -0.13 -4.78 22.23
C GLN A 61 -0.21 -3.27 22.64
N ASN A 62 0.88 -2.52 22.44
CA ASN A 62 0.90 -1.07 22.79
C ASN A 62 0.35 -0.25 21.58
N PRO A 63 -0.73 0.56 21.75
CA PRO A 63 -1.19 1.28 20.54
C PRO A 63 -0.22 2.38 20.01
N ASN A 64 0.74 2.75 20.83
CA ASN A 64 1.67 3.75 20.43
C ASN A 64 3.00 3.13 19.96
N GLU A 65 2.91 2.04 19.21
CA GLU A 65 4.07 1.40 18.62
C GLU A 65 3.75 1.07 17.17
N PHE A 66 4.79 1.15 16.35
CA PHE A 66 4.74 0.84 14.94
C PHE A 66 4.81 -0.71 14.80
N SER A 67 4.09 -1.26 13.84
CA SER A 67 4.12 -2.69 13.54
C SER A 67 4.17 -2.89 12.02
N ASP A 68 4.65 -4.07 11.57
CA ASP A 68 4.67 -4.46 10.15
C ASP A 68 3.26 -4.85 9.73
N LEU A 69 2.56 -5.54 10.62
CA LEU A 69 1.14 -5.96 10.36
C LEU A 69 0.29 -5.69 11.60
N VAL A 70 -1.00 -5.44 11.41
CA VAL A 70 -1.94 -5.26 12.48
C VAL A 70 -2.97 -6.35 12.20
N PHE A 71 -3.15 -7.25 13.16
CA PHE A 71 -4.08 -8.35 12.99
C PHE A 71 -5.40 -8.24 13.66
N GLY A 72 -6.08 -9.37 13.46
CA GLY A 72 -7.38 -9.66 14.05
C GLY A 72 -8.63 -9.07 13.48
N ASN A 73 -9.46 -8.62 14.40
CA ASN A 73 -10.73 -8.03 14.06
C ASN A 73 -11.23 -7.47 15.39
N PRO A 74 -10.69 -6.30 15.82
CA PRO A 74 -11.02 -5.58 17.07
C PRO A 74 -12.33 -4.78 17.01
N TYR A 84 -5.51 1.51 14.77
CA TYR A 84 -4.34 1.32 13.85
C TYR A 84 -4.88 1.45 12.42
N GLN A 85 -5.68 2.49 12.26
CA GLN A 85 -6.31 2.80 10.99
C GLN A 85 -5.45 2.78 9.75
N ASN A 86 -4.27 3.40 9.84
CA ASN A 86 -3.40 3.51 8.66
C ASN A 86 -2.23 2.54 8.57
N ALA A 87 -2.31 1.40 9.27
CA ALA A 87 -1.19 0.40 9.20
C ALA A 87 -1.51 -0.72 8.13
N LYS A 88 -0.64 -1.70 7.91
CA LYS A 88 -0.93 -2.79 6.96
C LYS A 88 -1.83 -3.81 7.72
N ARG A 89 -3.13 -3.73 7.49
CA ARG A 89 -4.07 -4.53 8.25
C ARG A 89 -4.52 -5.85 7.68
N VAL A 90 -4.53 -6.87 8.55
CA VAL A 90 -4.91 -8.25 8.12
C VAL A 90 -6.11 -8.69 8.93
N PHE A 91 -7.20 -9.02 8.25
CA PHE A 91 -8.41 -9.48 8.95
C PHE A 91 -8.26 -10.99 9.19
N TYR A 92 -8.64 -11.45 10.37
CA TYR A 92 -8.51 -12.89 10.67
C TYR A 92 -9.44 -13.16 11.85
N THR A 93 -10.46 -13.99 11.67
CA THR A 93 -11.36 -14.23 12.79
C THR A 93 -11.77 -15.67 12.84
N GLY A 94 -12.20 -16.10 14.02
CA GLY A 94 -12.66 -17.47 14.15
C GLY A 94 -14.15 -17.54 13.84
N GLU A 95 -14.80 -16.40 13.82
CA GLU A 95 -16.21 -16.36 13.56
C GLU A 95 -16.65 -16.62 12.11
N ASN A 96 -17.95 -16.88 11.95
CA ASN A 96 -18.53 -17.06 10.61
C ASN A 96 -18.83 -15.60 10.13
N GLU A 97 -17.78 -14.89 9.73
CA GLU A 97 -17.87 -13.48 9.39
C GLU A 97 -16.97 -13.14 8.19
N SER A 98 -17.53 -12.55 7.13
CA SER A 98 -16.73 -12.21 5.96
C SER A 98 -15.93 -10.91 6.24
N PRO A 99 -14.81 -10.69 5.53
CA PRO A 99 -13.95 -9.50 5.74
C PRO A 99 -14.52 -8.18 5.27
N ASN A 100 -14.15 -7.07 5.93
CA ASN A 100 -14.54 -5.72 5.50
C ASN A 100 -13.30 -5.27 4.75
N PHE A 101 -13.28 -5.29 3.42
CA PHE A 101 -12.10 -4.88 2.70
C PHE A 101 -11.93 -3.35 2.60
N ASN A 102 -12.89 -2.60 3.13
CA ASN A 102 -12.73 -1.11 3.20
C ASN A 102 -11.73 -0.81 4.33
N LEU A 103 -11.82 -1.57 5.43
CA LEU A 103 -10.98 -1.39 6.64
C LEU A 103 -9.69 -2.20 6.59
N PHE A 104 -9.75 -3.41 6.03
CA PHE A 104 -8.56 -4.27 5.95
C PHE A 104 -7.95 -4.41 4.59
N ASP A 105 -6.63 -4.27 4.53
CA ASP A 105 -5.89 -4.41 3.33
C ASP A 105 -5.91 -5.86 2.81
N TYR A 106 -5.79 -6.77 3.78
CA TYR A 106 -5.77 -8.21 3.48
C TYR A 106 -6.63 -8.99 4.45
N ALA A 107 -6.97 -10.20 4.06
CA ALA A 107 -7.80 -11.00 4.96
C ALA A 107 -7.50 -12.48 4.81
N ILE A 108 -7.71 -13.21 5.90
CA ILE A 108 -7.58 -14.67 5.88
C ILE A 108 -8.92 -15.16 6.41
N GLY A 109 -9.58 -16.05 5.70
CA GLY A 109 -10.89 -16.50 6.18
C GLY A 109 -11.36 -17.86 5.63
N PHE A 110 -12.66 -18.08 5.65
CA PHE A 110 -13.26 -19.33 5.19
C PHE A 110 -13.98 -19.21 3.86
N ASP A 111 -14.24 -17.97 3.45
CA ASP A 111 -14.97 -17.74 2.21
C ASP A 111 -14.29 -18.26 0.97
N GLU A 112 -15.11 -18.73 0.03
CA GLU A 112 -14.65 -19.26 -1.25
C GLU A 112 -14.70 -18.02 -2.16
N LEU A 113 -13.70 -17.17 -2.05
CA LEU A 113 -13.68 -15.91 -2.82
C LEU A 113 -12.25 -15.72 -3.27
N ASP A 114 -12.06 -15.01 -4.38
CA ASP A 114 -10.73 -14.78 -4.93
C ASP A 114 -10.65 -13.23 -5.08
N PHE A 115 -9.73 -12.63 -4.36
CA PHE A 115 -9.55 -11.16 -4.39
C PHE A 115 -8.04 -10.97 -4.66
N ASN A 116 -7.53 -11.80 -5.57
CA ASN A 116 -6.14 -11.74 -5.99
C ASN A 116 -5.21 -11.77 -4.79
N ASP A 117 -4.34 -10.77 -4.63
CA ASP A 117 -3.42 -10.81 -3.50
C ASP A 117 -4.05 -10.44 -2.17
N ARG A 118 -5.29 -9.99 -2.16
CA ARG A 118 -5.84 -9.55 -0.87
C ARG A 118 -6.49 -10.56 0.04
N TYR A 119 -6.72 -11.78 -0.46
CA TYR A 119 -7.43 -12.75 0.37
C TYR A 119 -6.85 -14.17 0.29
N LEU A 120 -6.85 -14.85 1.42
CA LEU A 120 -6.39 -16.26 1.44
C LEU A 120 -7.39 -17.08 2.21
N ARG A 121 -7.81 -18.24 1.68
CA ARG A 121 -8.73 -19.12 2.46
C ARG A 121 -7.85 -20.07 3.30
N MET A 122 -7.99 -20.02 4.64
CA MET A 122 -7.26 -20.91 5.59
C MET A 122 -8.33 -21.24 6.64
N PRO A 123 -9.05 -22.34 6.41
CA PRO A 123 -10.12 -22.70 7.34
C PRO A 123 -9.54 -23.14 8.67
N LEU A 124 -10.38 -23.02 9.69
CA LEU A 124 -9.99 -23.37 11.04
C LEU A 124 -9.60 -24.82 11.17
N TYR A 125 -10.12 -25.63 10.25
CA TYR A 125 -9.78 -27.06 10.27
C TYR A 125 -8.32 -27.26 10.12
N TYR A 126 -7.61 -26.41 9.37
CA TYR A 126 -6.18 -26.56 9.18
C TYR A 126 -5.46 -26.29 10.51
N ASP A 127 -5.93 -25.28 11.26
CA ASP A 127 -5.33 -24.96 12.54
C ASP A 127 -5.59 -26.12 13.52
N ARG A 128 -6.78 -26.72 13.47
CA ARG A 128 -7.07 -27.84 14.37
C ARG A 128 -6.12 -28.99 14.05
N LEU A 129 -5.82 -29.23 12.76
CA LEU A 129 -4.85 -30.28 12.38
C LEU A 129 -3.45 -30.01 12.96
N HIS A 130 -3.07 -28.73 13.04
CA HIS A 130 -1.79 -28.36 13.57
C HIS A 130 -1.75 -28.81 15.09
N HIS A 131 -2.83 -28.56 15.80
CA HIS A 131 -2.86 -28.97 17.18
C HIS A 131 -2.83 -30.52 17.31
N LYS A 132 -3.61 -31.24 16.50
CA LYS A 132 -3.60 -32.72 16.57
C LYS A 132 -2.14 -33.20 16.27
N ALA A 133 -1.49 -32.69 15.21
CA ALA A 133 -0.13 -33.10 14.89
C ALA A 133 0.80 -32.95 16.09
N GLU A 134 0.70 -31.80 16.75
CA GLU A 134 1.52 -31.54 17.91
C GLU A 134 1.25 -32.58 19.00
N SER A 135 -0.03 -32.85 19.28
CA SER A 135 -0.40 -33.77 20.34
C SER A 135 0.03 -35.21 20.07
N VAL A 136 0.33 -35.55 18.81
CA VAL A 136 0.74 -36.91 18.55
C VAL A 136 2.24 -37.06 18.44
N ASN A 137 2.97 -35.98 18.72
CA ASN A 137 4.43 -36.06 18.75
C ASN A 137 4.51 -36.55 20.20
N ASP A 138 4.12 -37.81 20.41
CA ASP A 138 4.03 -38.43 21.75
C ASP A 138 4.42 -39.90 21.59
N THR A 139 5.23 -40.40 22.51
CA THR A 139 5.67 -41.80 22.39
C THR A 139 4.53 -42.77 22.59
N THR A 140 3.40 -42.34 23.17
CA THR A 140 2.25 -43.24 23.35
C THR A 140 1.09 -43.07 22.36
N ALA A 141 1.23 -42.14 21.40
CA ALA A 141 0.18 -41.91 20.43
C ALA A 141 0.01 -43.04 19.43
N PRO A 142 -1.24 -43.27 18.98
CA PRO A 142 -1.51 -44.34 18.00
C PRO A 142 -1.39 -43.85 16.57
N TYR A 143 -1.07 -42.57 16.44
CA TYR A 143 -0.92 -41.92 15.11
C TYR A 143 0.57 -41.61 14.93
N LYS A 144 1.12 -41.91 13.76
CA LYS A 144 2.53 -41.67 13.52
C LYS A 144 2.89 -40.44 12.66
N LEU A 145 3.91 -39.68 13.09
CA LEU A 145 4.42 -38.50 12.37
C LEU A 145 5.68 -38.96 11.67
N LYS A 146 5.80 -38.66 10.38
CA LYS A 146 6.96 -39.07 9.61
C LYS A 146 8.22 -38.62 10.31
N ASP A 147 9.25 -39.43 10.15
CA ASP A 147 10.53 -39.17 10.77
C ASP A 147 11.20 -37.89 10.38
N ASN A 148 11.88 -37.31 11.36
CA ASN A 148 12.64 -36.11 11.16
C ASN A 148 11.90 -34.97 10.46
N SER A 149 10.56 -35.05 10.38
CA SER A 149 9.81 -33.96 9.78
C SER A 149 9.52 -32.93 10.89
N LEU A 150 9.05 -31.76 10.47
CA LEU A 150 8.77 -30.63 11.37
C LEU A 150 8.07 -30.89 12.67
N TYR A 151 6.97 -31.61 12.68
CA TYR A 151 6.32 -31.82 13.95
C TYR A 151 6.98 -32.84 14.85
N ALA A 152 7.99 -33.54 14.32
CA ALA A 152 8.74 -34.57 15.06
C ALA A 152 10.05 -33.98 15.59
N LEU A 153 10.37 -32.77 15.19
CA LEU A 153 11.61 -32.14 15.65
C LEU A 153 11.62 -31.76 17.12
N LYS A 154 10.48 -31.47 17.72
CA LYS A 154 10.43 -31.11 19.14
C LYS A 154 10.48 -32.39 20.00
N LYS A 155 10.69 -32.24 21.32
CA LYS A 155 10.73 -33.41 22.22
C LYS A 155 9.33 -33.92 22.42
N PRO A 156 9.14 -35.24 22.28
CA PRO A 156 7.82 -35.84 22.45
C PRO A 156 7.35 -36.03 23.87
N SER A 157 6.06 -35.84 24.11
CA SER A 157 5.48 -36.05 25.44
C SER A 157 5.14 -37.55 25.57
N HIS A 158 4.51 -37.95 26.67
CA HIS A 158 4.21 -39.39 26.86
C HIS A 158 2.84 -39.66 27.48
N CYS A 159 1.98 -38.63 27.48
CA CYS A 159 0.69 -38.71 28.13
C CYS A 159 -0.53 -39.03 27.28
N PHE A 160 -0.36 -39.12 25.97
CA PHE A 160 -1.51 -39.38 25.13
C PHE A 160 -2.38 -40.60 25.49
N LYS A 161 -1.78 -41.79 25.51
CA LYS A 161 -2.54 -43.01 25.81
C LYS A 161 -3.23 -42.94 27.17
N GLU A 162 -2.49 -42.44 28.16
CA GLU A 162 -3.02 -42.33 29.50
C GLU A 162 -4.27 -41.45 29.47
N LYS A 163 -4.27 -40.41 28.66
CA LYS A 163 -5.44 -39.56 28.56
C LYS A 163 -6.47 -40.05 27.53
N HIS A 164 -6.06 -40.87 26.56
CA HIS A 164 -7.01 -41.37 25.55
C HIS A 164 -6.93 -42.90 25.41
N PRO A 165 -7.23 -43.64 26.49
CA PRO A 165 -7.17 -45.10 26.45
C PRO A 165 -8.06 -45.74 25.39
N ASN A 166 -9.34 -45.37 25.43
CA ASN A 166 -10.32 -45.94 24.50
C ASN A 166 -9.97 -45.57 23.06
N LEU A 167 -9.47 -44.35 22.88
CA LEU A 167 -9.10 -43.89 21.53
C LEU A 167 -7.95 -44.74 20.98
N CYS A 168 -6.92 -44.93 21.81
CA CYS A 168 -5.79 -45.74 21.36
C CYS A 168 -6.21 -47.19 21.07
N ALA A 169 -7.04 -47.74 21.95
CA ALA A 169 -7.45 -49.14 21.77
C ALA A 169 -8.11 -49.37 20.42
N VAL A 170 -9.08 -48.52 20.09
CA VAL A 170 -9.80 -48.74 18.86
C VAL A 170 -8.90 -48.52 17.64
N VAL A 171 -7.97 -47.57 17.73
CA VAL A 171 -7.10 -47.29 16.61
C VAL A 171 -6.01 -48.35 16.53
N ASN A 172 -5.56 -48.81 17.68
CA ASN A 172 -4.55 -49.86 17.74
C ASN A 172 -5.08 -51.28 17.38
N ASP A 173 -6.33 -51.36 16.96
CA ASP A 173 -6.94 -52.64 16.59
C ASP A 173 -7.10 -53.62 17.76
N GLU A 174 -7.20 -53.06 18.95
CA GLU A 174 -7.39 -53.81 20.18
C GLU A 174 -8.84 -53.79 20.61
N SER A 175 -9.66 -52.95 19.97
CA SER A 175 -11.08 -52.84 20.29
C SER A 175 -11.87 -52.94 19.00
N ASP A 176 -13.12 -53.33 19.09
CA ASP A 176 -13.95 -53.47 17.91
C ASP A 176 -14.69 -52.15 17.70
N PRO A 177 -14.54 -51.53 16.52
CA PRO A 177 -15.25 -50.26 16.32
C PRO A 177 -16.77 -50.37 16.35
N LEU A 178 -17.28 -51.58 16.08
CA LEU A 178 -18.70 -51.85 16.05
C LEU A 178 -19.26 -51.92 17.43
N LYS A 179 -18.40 -52.25 18.39
CA LYS A 179 -18.86 -52.34 19.77
C LYS A 179 -18.60 -51.08 20.55
N ARG A 180 -19.47 -50.11 20.28
CA ARG A 180 -19.42 -48.82 20.90
C ARG A 180 -20.82 -48.21 20.98
N GLY A 181 -20.96 -47.14 21.76
CA GLY A 181 -22.23 -46.47 21.83
C GLY A 181 -22.62 -45.99 20.43
N PHE A 182 -23.81 -45.40 20.31
CA PHE A 182 -24.28 -44.93 19.02
C PHE A 182 -23.64 -43.61 18.55
N ALA A 183 -23.95 -42.54 19.27
CA ALA A 183 -23.43 -41.26 18.87
C ALA A 183 -23.31 -40.22 19.95
N SER A 184 -22.20 -39.47 19.87
CA SER A 184 -21.84 -38.38 20.81
C SER A 184 -22.23 -36.99 20.27
N PHE A 185 -22.53 -36.07 21.18
CA PHE A 185 -22.88 -34.71 20.79
C PHE A 185 -22.16 -33.84 21.81
N VAL A 186 -21.22 -32.99 21.36
CA VAL A 186 -20.51 -32.15 22.32
C VAL A 186 -20.62 -30.68 21.96
N ALA A 187 -21.48 -29.97 22.68
CA ALA A 187 -21.72 -28.56 22.40
C ALA A 187 -22.14 -27.83 23.66
N SER A 188 -21.62 -26.61 23.82
CA SER A 188 -21.96 -25.76 24.95
C SER A 188 -22.54 -24.41 24.50
N ASN A 189 -22.44 -24.12 23.21
CA ASN A 189 -23.01 -22.88 22.64
C ASN A 189 -24.46 -23.26 22.29
N PRO A 190 -25.41 -22.79 23.11
CA PRO A 190 -26.83 -23.10 22.86
C PRO A 190 -27.44 -22.38 21.65
N ASN A 191 -26.88 -21.21 21.35
CA ASN A 191 -27.36 -20.39 20.25
C ASN A 191 -27.07 -21.09 18.92
N ALA A 192 -27.66 -22.25 18.69
CA ALA A 192 -27.47 -22.98 17.44
C ALA A 192 -28.71 -23.82 17.16
N PRO A 193 -29.80 -23.17 16.71
CA PRO A 193 -31.09 -23.79 16.39
C PRO A 193 -31.04 -25.13 15.63
N ILE A 194 -30.56 -25.08 14.38
CA ILE A 194 -30.48 -26.25 13.49
C ILE A 194 -29.79 -27.44 14.15
N ARG A 195 -28.74 -27.16 14.91
CA ARG A 195 -27.96 -28.19 15.60
C ARG A 195 -28.80 -28.84 16.71
N ASN A 196 -29.28 -27.99 17.64
CA ASN A 196 -30.10 -28.45 18.76
C ASN A 196 -31.31 -29.26 18.32
N ALA A 197 -31.96 -28.81 17.27
CA ALA A 197 -33.12 -29.49 16.74
C ALA A 197 -32.76 -30.84 16.12
N PHE A 198 -31.62 -30.92 15.42
CA PHE A 198 -31.23 -32.17 14.77
C PHE A 198 -30.92 -33.20 15.82
N TYR A 199 -30.32 -32.78 16.94
CA TYR A 199 -30.03 -33.71 18.00
C TYR A 199 -31.36 -34.34 18.48
N ASP A 200 -32.36 -33.49 18.75
CA ASP A 200 -33.69 -33.94 19.18
C ASP A 200 -34.24 -34.94 18.16
N ALA A 201 -34.14 -34.59 16.89
CA ALA A 201 -34.64 -35.48 15.85
C ALA A 201 -33.96 -36.85 15.91
N LEU A 202 -32.65 -36.85 15.98
CA LEU A 202 -31.92 -38.13 16.00
C LEU A 202 -32.06 -38.84 17.34
N ASN A 203 -32.01 -38.10 18.42
CA ASN A 203 -32.11 -38.71 19.73
C ASN A 203 -33.43 -39.45 19.90
N SER A 204 -34.49 -38.98 19.25
CA SER A 204 -35.82 -39.59 19.37
C SER A 204 -35.92 -40.94 18.68
N ILE A 205 -34.94 -41.23 17.83
CA ILE A 205 -34.90 -42.50 17.10
C ILE A 205 -33.87 -43.44 17.71
N GLU A 206 -32.82 -42.86 18.29
CA GLU A 206 -31.74 -43.63 18.86
C GLU A 206 -31.06 -42.69 19.84
N PRO A 207 -31.00 -43.06 21.13
CA PRO A 207 -30.36 -42.13 22.07
C PRO A 207 -28.97 -41.65 21.65
N VAL A 208 -28.77 -40.34 21.76
CA VAL A 208 -27.49 -39.70 21.45
C VAL A 208 -26.94 -39.21 22.79
N THR A 209 -25.66 -39.49 23.05
CA THR A 209 -25.04 -39.09 24.30
C THR A 209 -24.51 -37.67 24.24
N GLY A 210 -24.97 -36.82 25.16
CA GLY A 210 -24.51 -35.45 25.17
C GLY A 210 -23.40 -35.23 26.18
N GLY A 211 -22.30 -34.63 25.75
CA GLY A 211 -21.18 -34.39 26.63
C GLY A 211 -20.91 -32.94 26.99
N GLY A 212 -21.50 -32.02 26.24
CA GLY A 212 -21.33 -30.60 26.54
C GLY A 212 -22.51 -30.08 27.36
N SER A 213 -22.57 -28.76 27.58
CA SER A 213 -23.66 -28.17 28.36
C SER A 213 -25.03 -28.30 27.64
N VAL A 214 -25.00 -28.40 26.31
CA VAL A 214 -26.25 -28.49 25.57
C VAL A 214 -26.68 -29.94 25.36
N ARG A 215 -27.89 -30.25 25.80
CA ARG A 215 -28.48 -31.58 25.72
C ARG A 215 -27.57 -32.60 26.38
N ASN A 216 -26.99 -32.18 27.50
CA ASN A 216 -26.12 -33.02 28.28
C ASN A 216 -26.85 -34.23 28.88
N THR A 217 -26.27 -35.40 28.74
CA THR A 217 -26.86 -36.65 29.24
C THR A 217 -25.98 -37.35 30.26
N LEU A 218 -24.74 -36.89 30.40
CA LEU A 218 -23.79 -37.51 31.33
C LEU A 218 -23.85 -36.99 32.77
N GLY A 219 -24.43 -35.81 32.94
CA GLY A 219 -24.51 -35.22 34.26
C GLY A 219 -23.34 -34.30 34.51
N TYR A 220 -22.37 -34.28 33.61
CA TYR A 220 -21.18 -33.41 33.74
C TYR A 220 -20.61 -33.14 32.36
N ASN A 221 -19.78 -32.11 32.25
CA ASN A 221 -19.15 -31.75 30.97
C ASN A 221 -17.85 -32.50 30.75
N VAL A 222 -17.82 -33.29 29.68
CA VAL A 222 -16.65 -34.10 29.34
C VAL A 222 -15.39 -33.26 29.25
N LYS A 223 -14.33 -33.77 29.87
CA LYS A 223 -13.04 -33.10 29.92
C LYS A 223 -12.23 -33.29 28.64
N ASN A 224 -12.11 -34.52 28.17
CA ASN A 224 -11.41 -34.68 26.91
C ASN A 224 -12.39 -35.05 25.83
N LYS A 225 -12.66 -34.09 24.96
CA LYS A 225 -13.60 -34.36 23.89
C LYS A 225 -13.15 -35.54 23.03
N ASN A 226 -11.88 -35.59 22.66
CA ASN A 226 -11.46 -36.65 21.76
C ASN A 226 -11.59 -38.09 22.33
N GLU A 227 -11.34 -38.26 23.62
CA GLU A 227 -11.49 -39.57 24.24
C GLU A 227 -12.98 -39.94 24.24
N PHE A 228 -13.82 -39.00 24.65
CA PHE A 228 -15.26 -39.23 24.70
C PHE A 228 -15.80 -39.64 23.33
N LEU A 229 -15.56 -38.84 22.28
CA LEU A 229 -16.05 -39.21 20.96
C LEU A 229 -15.57 -40.58 20.49
N SER A 230 -14.36 -41.04 20.85
CA SER A 230 -13.89 -42.35 20.42
C SER A 230 -14.75 -43.53 20.94
N GLN A 231 -15.62 -43.27 21.89
CA GLN A 231 -16.45 -44.34 22.47
C GLN A 231 -17.80 -44.50 21.80
N TYR A 232 -18.02 -43.82 20.65
CA TYR A 232 -19.26 -43.93 19.92
C TYR A 232 -19.02 -44.13 18.43
N LYS A 233 -19.97 -44.75 17.77
CA LYS A 233 -19.86 -45.03 16.36
C LYS A 233 -19.84 -43.75 15.46
N PHE A 234 -20.64 -42.77 15.87
CA PHE A 234 -20.79 -41.51 15.12
C PHE A 234 -20.64 -40.30 16.03
N ASN A 235 -20.30 -39.16 15.41
CA ASN A 235 -20.23 -37.91 16.15
C ASN A 235 -21.14 -36.90 15.42
N LEU A 236 -22.12 -36.36 16.15
CA LEU A 236 -23.05 -35.34 15.63
C LEU A 236 -22.14 -34.07 15.51
N CYS A 237 -21.71 -33.79 14.30
CA CYS A 237 -20.73 -32.72 14.05
C CYS A 237 -21.30 -31.54 13.27
N PHE A 238 -22.08 -30.68 13.92
CA PHE A 238 -22.69 -29.54 13.25
C PHE A 238 -22.02 -28.22 13.61
N GLU A 239 -21.83 -27.36 12.61
CA GLU A 239 -21.28 -26.01 12.86
C GLU A 239 -22.42 -25.23 13.57
N ASN A 240 -22.13 -24.08 14.17
CA ASN A 240 -23.15 -23.33 14.83
C ASN A 240 -24.01 -22.54 13.84
N THR A 241 -23.53 -22.32 12.62
CA THR A 241 -24.26 -21.57 11.61
C THR A 241 -23.82 -22.10 10.30
N GLN A 242 -24.58 -21.79 9.25
CA GLN A 242 -24.25 -22.25 7.92
C GLN A 242 -23.40 -21.19 7.26
N GLY A 243 -22.47 -21.60 6.41
CA GLY A 243 -21.59 -20.66 5.73
C GLY A 243 -20.83 -21.45 4.73
N TYR A 244 -20.82 -21.01 3.48
CA TYR A 244 -20.07 -21.68 2.49
C TYR A 244 -18.60 -21.53 2.75
N GLY A 245 -17.95 -22.67 3.01
CA GLY A 245 -16.53 -22.72 3.27
C GLY A 245 -16.31 -22.73 4.75
N TYR A 246 -17.37 -22.52 5.53
CA TYR A 246 -17.18 -22.44 6.98
C TYR A 246 -17.05 -23.81 7.63
N VAL A 247 -15.85 -24.40 7.56
CA VAL A 247 -15.62 -25.73 8.15
C VAL A 247 -14.60 -25.54 9.26
N THR A 248 -15.03 -25.73 10.50
CA THR A 248 -14.19 -25.52 11.65
C THR A 248 -13.45 -26.74 12.15
N GLU A 249 -13.07 -26.70 13.43
CA GLU A 249 -12.28 -27.81 14.00
C GLU A 249 -13.17 -29.06 14.24
N LYS A 250 -14.48 -28.87 14.30
CA LYS A 250 -15.36 -29.98 14.59
C LYS A 250 -15.14 -31.26 13.81
N ILE A 251 -15.22 -31.20 12.49
CA ILE A 251 -15.08 -32.42 11.69
C ILE A 251 -13.72 -33.11 11.88
N ILE A 252 -12.69 -32.32 12.21
CA ILE A 252 -11.37 -32.88 12.42
C ILE A 252 -11.42 -33.71 13.71
N ASP A 253 -12.07 -33.18 14.75
CA ASP A 253 -12.20 -33.89 16.00
C ASP A 253 -12.85 -35.27 15.80
N ALA A 254 -13.81 -35.34 14.87
CA ALA A 254 -14.45 -36.61 14.56
C ALA A 254 -13.41 -37.56 13.97
N TYR A 255 -12.81 -37.15 12.83
CA TYR A 255 -11.79 -37.98 12.21
C TYR A 255 -10.71 -38.44 13.21
N PHE A 256 -10.25 -37.51 14.02
CA PHE A 256 -9.20 -37.84 14.97
C PHE A 256 -9.63 -38.91 16.02
N SER A 257 -10.91 -38.87 16.36
CA SER A 257 -11.50 -39.75 17.34
C SER A 257 -11.92 -41.10 16.75
N HIS A 258 -11.66 -41.32 15.47
CA HIS A 258 -12.00 -42.59 14.83
C HIS A 258 -13.49 -42.86 14.91
N THR A 259 -14.30 -41.84 14.60
CA THR A 259 -15.76 -41.99 14.63
C THR A 259 -16.25 -41.29 13.36
N ILE A 260 -17.41 -41.69 12.85
CA ILE A 260 -17.96 -41.10 11.63
C ILE A 260 -18.65 -39.79 11.94
N PRO A 261 -18.23 -38.70 11.25
CA PRO A 261 -18.86 -37.40 11.48
C PRO A 261 -20.21 -37.38 10.78
N ILE A 262 -21.22 -36.85 11.47
CA ILE A 262 -22.53 -36.60 10.88
C ILE A 262 -22.41 -35.06 10.81
N TYR A 263 -22.21 -34.58 9.59
CA TYR A 263 -21.89 -33.17 9.35
C TYR A 263 -22.91 -32.25 8.74
N TRP A 264 -22.90 -31.02 9.19
CA TRP A 264 -23.76 -29.97 8.66
C TRP A 264 -23.04 -28.65 8.99
N GLY A 265 -23.00 -27.73 8.04
CA GLY A 265 -22.32 -26.45 8.31
C GLY A 265 -22.12 -25.83 6.98
N SER A 266 -20.95 -26.10 6.39
CA SER A 266 -20.63 -25.61 5.06
C SER A 266 -21.23 -26.52 3.95
N PRO A 267 -22.14 -25.97 3.15
CA PRO A 267 -22.74 -26.79 2.08
C PRO A 267 -21.73 -27.32 1.11
N SER A 268 -20.54 -26.75 1.10
CA SER A 268 -19.51 -27.18 0.15
C SER A 268 -18.44 -27.99 0.83
N VAL A 269 -18.74 -28.58 1.98
CA VAL A 269 -17.75 -29.36 2.71
C VAL A 269 -17.16 -30.50 1.88
N ALA A 270 -17.92 -31.00 0.91
CA ALA A 270 -17.35 -32.04 0.06
C ALA A 270 -16.11 -31.56 -0.73
N LYS A 271 -15.90 -30.24 -0.86
CA LYS A 271 -14.70 -29.80 -1.56
C LYS A 271 -13.47 -30.04 -0.72
N ASP A 272 -13.65 -29.85 0.57
CA ASP A 272 -12.59 -29.96 1.57
C ASP A 272 -12.31 -31.40 1.99
N PHE A 273 -13.37 -32.19 2.10
CA PHE A 273 -13.23 -33.60 2.53
C PHE A 273 -14.00 -34.61 1.68
N ASN A 274 -13.41 -35.80 1.54
CA ASN A 274 -13.98 -36.94 0.80
C ASN A 274 -15.38 -37.26 1.34
N PRO A 275 -16.42 -37.02 0.55
CA PRO A 275 -17.79 -37.29 1.00
C PRO A 275 -18.12 -38.76 1.29
N LYS A 276 -17.26 -39.68 0.89
CA LYS A 276 -17.47 -41.11 1.21
C LYS A 276 -16.99 -41.38 2.66
N SER A 277 -16.40 -40.35 3.29
CA SER A 277 -15.84 -40.52 4.64
C SER A 277 -16.70 -39.96 5.72
N PHE A 278 -17.84 -39.39 5.37
CA PHE A 278 -18.68 -38.85 6.45
C PHE A 278 -20.07 -38.74 5.92
N VAL A 279 -21.03 -38.46 6.79
CA VAL A 279 -22.39 -38.32 6.36
C VAL A 279 -22.59 -36.81 6.13
N ASN A 280 -22.82 -36.43 4.89
CA ASN A 280 -23.00 -34.99 4.62
C ASN A 280 -24.47 -34.66 4.71
N VAL A 281 -24.92 -34.16 5.83
CA VAL A 281 -26.32 -33.86 5.90
C VAL A 281 -26.84 -32.98 4.76
N HIS A 282 -25.93 -32.21 4.13
CA HIS A 282 -26.30 -31.31 3.03
C HIS A 282 -26.80 -32.04 1.81
N ASP A 283 -26.41 -33.30 1.67
CA ASP A 283 -26.84 -34.06 0.53
C ASP A 283 -28.27 -34.61 0.58
N PHE A 284 -29.03 -34.27 1.62
CA PHE A 284 -30.41 -34.76 1.75
C PHE A 284 -31.43 -33.64 1.72
N LYS A 285 -32.61 -33.88 1.14
CA LYS A 285 -33.57 -32.80 1.10
C LYS A 285 -34.21 -32.49 2.45
N ASN A 286 -33.99 -33.34 3.43
CA ASN A 286 -34.54 -33.06 4.74
C ASN A 286 -33.77 -33.87 5.76
N PHE A 287 -34.07 -33.65 7.04
CA PHE A 287 -33.39 -34.37 8.09
C PHE A 287 -33.79 -35.84 8.23
N ASP A 288 -35.07 -36.15 7.99
CA ASP A 288 -35.54 -37.54 8.07
C ASP A 288 -34.69 -38.40 7.18
N GLU A 289 -34.54 -37.96 5.94
CA GLU A 289 -33.74 -38.66 4.95
C GLU A 289 -32.30 -38.88 5.42
N ALA A 290 -31.74 -37.88 6.10
CA ALA A 290 -30.38 -37.99 6.59
C ALA A 290 -30.33 -39.01 7.72
N ILE A 291 -31.25 -38.90 8.69
CA ILE A 291 -31.20 -39.89 9.76
C ILE A 291 -31.53 -41.30 9.19
N ASP A 292 -32.36 -41.38 8.15
CA ASP A 292 -32.63 -42.69 7.57
C ASP A 292 -31.30 -43.23 7.04
N TYR A 293 -30.44 -42.36 6.53
CA TYR A 293 -29.15 -42.88 6.07
C TYR A 293 -28.24 -43.23 7.27
N ILE A 294 -28.37 -42.51 8.38
CA ILE A 294 -27.54 -42.79 9.56
C ILE A 294 -27.99 -44.11 10.17
N LYS A 295 -29.30 -44.32 10.16
CA LYS A 295 -29.93 -45.52 10.69
C LYS A 295 -29.37 -46.69 9.89
N TYR A 296 -29.35 -46.55 8.57
CA TYR A 296 -28.81 -47.61 7.72
C TYR A 296 -27.36 -47.95 8.03
N LEU A 297 -26.50 -46.94 8.12
CA LEU A 297 -25.07 -47.19 8.40
C LEU A 297 -24.87 -47.87 9.76
N HIS A 298 -25.67 -47.48 10.72
CA HIS A 298 -25.53 -48.05 12.04
C HIS A 298 -25.96 -49.54 12.05
N THR A 299 -26.69 -49.97 11.04
CA THR A 299 -27.19 -51.35 10.99
C THR A 299 -26.68 -52.21 9.84
N HIS A 300 -25.66 -51.73 9.15
CA HIS A 300 -25.03 -52.47 8.07
C HIS A 300 -23.53 -52.33 8.24
N LYS A 301 -22.99 -53.17 9.13
CA LYS A 301 -21.57 -53.18 9.47
C LYS A 301 -20.62 -52.88 8.33
N ASN A 302 -20.91 -53.43 7.14
CA ASN A 302 -20.02 -53.20 6.00
C ASN A 302 -19.90 -51.78 5.51
N ALA A 303 -21.05 -51.13 5.32
CA ALA A 303 -21.13 -49.76 4.86
C ALA A 303 -20.54 -48.83 5.91
N TYR A 304 -20.76 -49.16 7.17
CA TYR A 304 -20.24 -48.37 8.28
C TYR A 304 -18.72 -48.44 8.27
N LEU A 305 -18.18 -49.64 8.19
CA LEU A 305 -16.73 -49.77 8.18
C LEU A 305 -16.14 -49.22 6.87
N ASP A 306 -16.91 -49.23 5.78
CA ASP A 306 -16.36 -48.70 4.54
C ASP A 306 -16.13 -47.20 4.76
N MET A 307 -17.14 -46.53 5.30
CA MET A 307 -17.05 -45.10 5.58
C MET A 307 -15.94 -44.73 6.58
N LEU A 308 -15.86 -45.41 7.70
CA LEU A 308 -14.83 -45.15 8.71
C LEU A 308 -13.40 -45.32 8.20
N TYR A 309 -13.26 -46.15 7.19
CA TYR A 309 -11.92 -46.42 6.64
C TYR A 309 -11.55 -45.60 5.40
N GLU A 310 -12.50 -44.81 4.90
CA GLU A 310 -12.19 -43.97 3.75
C GLU A 310 -11.15 -42.91 4.18
N ASN A 311 -10.40 -42.41 3.19
CA ASN A 311 -9.40 -41.36 3.44
C ASN A 311 -10.27 -40.12 3.70
N PRO A 312 -9.99 -39.40 4.77
CA PRO A 312 -10.78 -38.18 5.06
C PRO A 312 -10.65 -37.16 3.90
N LEU A 313 -9.53 -37.18 3.17
CA LEU A 313 -9.32 -36.21 2.08
C LEU A 313 -9.72 -36.75 0.71
N ASN A 314 -10.06 -35.86 -0.22
CA ASN A 314 -10.38 -36.26 -1.60
C ASN A 314 -9.03 -36.64 -2.20
N THR A 315 -9.01 -37.44 -3.28
CA THR A 315 -7.72 -37.76 -3.91
C THR A 315 -7.79 -37.48 -5.40
N LEU A 316 -6.65 -37.25 -6.02
CA LEU A 316 -6.63 -37.04 -7.45
C LEU A 316 -5.42 -37.85 -7.92
N ASP A 317 -5.71 -38.85 -8.77
CA ASP A 317 -4.69 -39.76 -9.32
C ASP A 317 -4.01 -40.46 -8.15
N GLY A 318 -4.82 -40.95 -7.21
CA GLY A 318 -4.27 -41.61 -6.04
C GLY A 318 -3.69 -40.72 -4.93
N LYS A 319 -3.29 -39.47 -5.24
CA LYS A 319 -2.69 -38.55 -4.25
C LYS A 319 -3.76 -37.73 -3.54
N ALA A 320 -3.75 -37.79 -2.21
CA ALA A 320 -4.72 -37.04 -1.38
C ALA A 320 -4.34 -35.57 -1.48
N TYR A 321 -5.30 -34.68 -1.35
CA TYR A 321 -4.98 -33.25 -1.44
C TYR A 321 -5.88 -32.43 -0.57
N PHE A 322 -5.39 -31.27 -0.14
CA PHE A 322 -6.22 -30.30 0.60
C PHE A 322 -6.81 -29.45 -0.52
N TYR A 323 -8.04 -29.03 -0.35
CA TYR A 323 -8.71 -28.26 -1.39
C TYR A 323 -7.84 -27.00 -1.67
N GLN A 324 -7.74 -26.63 -2.95
CA GLN A 324 -6.91 -25.54 -3.42
C GLN A 324 -5.47 -25.59 -2.92
N ASN A 325 -4.99 -26.80 -2.62
CA ASN A 325 -3.61 -26.98 -2.18
C ASN A 325 -3.10 -26.13 -1.01
N LEU A 326 -3.95 -25.95 -0.02
CA LEU A 326 -3.61 -25.23 1.20
C LEU A 326 -2.36 -25.88 1.74
N SER A 327 -1.34 -25.10 2.12
CA SER A 327 -0.10 -25.68 2.63
C SER A 327 0.75 -24.61 3.30
N PHE A 328 1.76 -24.99 4.07
CA PHE A 328 2.65 -24.01 4.63
C PHE A 328 3.21 -23.12 3.48
N LYS A 329 3.56 -23.70 2.36
CA LYS A 329 4.13 -22.91 1.26
C LYS A 329 3.15 -21.87 0.74
N LYS A 330 1.89 -22.23 0.60
CA LYS A 330 0.89 -21.30 0.09
C LYS A 330 0.70 -20.12 1.08
N ILE A 331 0.70 -20.44 2.36
CA ILE A 331 0.51 -19.46 3.40
C ILE A 331 1.74 -18.56 3.50
N LEU A 332 2.93 -19.13 3.37
CA LEU A 332 4.15 -18.28 3.44
C LEU A 332 4.26 -17.39 2.21
N ALA A 333 3.86 -17.90 1.06
CA ALA A 333 3.90 -17.09 -0.16
C ALA A 333 2.92 -15.89 -0.02
N PHE A 334 1.77 -16.17 0.57
CA PHE A 334 0.75 -15.16 0.78
C PHE A 334 1.34 -14.02 1.63
N PHE A 335 2.00 -14.35 2.74
CA PHE A 335 2.60 -13.37 3.61
C PHE A 335 3.80 -12.67 3.02
N LYS A 336 4.58 -13.38 2.21
CA LYS A 336 5.75 -12.75 1.56
C LYS A 336 5.24 -11.66 0.58
N THR A 337 4.13 -11.95 -0.08
CA THR A 337 3.55 -10.96 -1.01
C THR A 337 3.01 -9.76 -0.19
N ILE A 338 2.34 -10.04 0.92
CA ILE A 338 1.80 -8.95 1.74
C ILE A 338 2.93 -8.02 2.21
N LEU A 339 3.99 -8.64 2.70
CA LEU A 339 5.12 -7.90 3.25
C LEU A 339 5.89 -7.08 2.24
N GLU A 340 6.01 -7.59 1.03
CA GLU A 340 6.70 -6.88 -0.02
C GLU A 340 5.82 -5.88 -0.81
N ASN A 341 4.50 -5.91 -0.65
CA ASN A 341 3.60 -5.00 -1.37
C ASN A 341 3.38 -3.73 -0.54
N ASP A 342 3.74 -2.58 -1.10
CA ASP A 342 3.61 -1.33 -0.37
C ASP A 342 2.27 -0.61 -0.64
N THR A 343 1.46 -1.14 -1.54
CA THR A 343 0.18 -0.50 -1.80
C THR A 343 -0.74 -0.46 -0.60
N ILE A 344 -1.37 0.69 -0.32
CA ILE A 344 -2.30 0.77 0.76
C ILE A 344 -3.68 0.52 0.09
N TYR A 345 -4.38 -0.55 0.51
CA TYR A 345 -5.69 -0.81 -0.05
C TYR A 345 -6.79 -0.27 0.84
N HIS A 346 -6.56 -0.20 2.16
CA HIS A 346 -7.64 0.24 3.06
C HIS A 346 -8.01 1.71 2.89
N ASP A 347 -9.24 2.11 3.26
CA ASP A 347 -9.68 3.52 3.08
C ASP A 347 -8.65 4.44 3.73
N ASN A 348 -8.20 5.46 3.00
CA ASN A 348 -7.12 6.32 3.47
C ASN A 348 -7.63 7.71 3.60
N PRO A 349 -8.26 8.02 4.78
CA PRO A 349 -8.90 9.27 5.29
C PRO A 349 -8.40 10.61 4.74
N MET B 1 -12.14 9.79 -29.28
CA MET B 1 -13.13 9.30 -30.30
C MET B 1 -14.24 8.51 -29.61
N PHE B 2 -15.35 9.16 -29.31
CA PHE B 2 -16.44 8.53 -28.62
C PHE B 2 -17.27 7.60 -29.49
N GLN B 3 -17.40 7.88 -30.80
CA GLN B 3 -18.26 6.99 -31.60
C GLN B 3 -17.98 5.48 -31.47
N PRO B 4 -16.71 5.01 -31.58
CA PRO B 4 -16.44 3.56 -31.45
C PRO B 4 -16.83 3.01 -30.04
N LEU B 5 -16.74 3.87 -29.02
CA LEU B 5 -17.11 3.44 -27.65
C LEU B 5 -18.63 3.27 -27.62
N LEU B 6 -19.35 4.23 -28.21
CA LEU B 6 -20.82 4.11 -28.30
C LEU B 6 -21.21 2.88 -29.08
N ASP B 7 -20.48 2.62 -30.17
CA ASP B 7 -20.80 1.45 -31.00
C ASP B 7 -20.73 0.18 -30.17
N ALA B 8 -19.67 0.06 -29.39
CA ALA B 8 -19.48 -1.13 -28.56
C ALA B 8 -20.54 -1.16 -27.44
N TYR B 9 -20.79 -0.02 -26.84
CA TYR B 9 -21.81 0.01 -25.80
C TYR B 9 -23.12 -0.55 -26.38
N VAL B 10 -23.58 0.04 -27.49
CA VAL B 10 -24.79 -0.41 -28.16
C VAL B 10 -24.82 -1.87 -28.41
N GLU B 11 -23.71 -2.45 -28.86
CA GLU B 11 -23.66 -3.90 -29.07
C GLU B 11 -23.82 -4.65 -27.77
N SER B 12 -23.20 -4.12 -26.71
CA SER B 12 -23.25 -4.78 -25.44
C SER B 12 -24.68 -4.75 -24.89
N ALA B 13 -25.56 -3.92 -25.45
CA ALA B 13 -26.93 -3.82 -24.94
C ALA B 13 -27.84 -4.73 -25.76
N SER B 14 -27.23 -5.49 -26.63
CA SER B 14 -28.03 -6.36 -27.50
C SER B 14 -28.50 -7.60 -26.79
N ILE B 15 -29.80 -7.84 -26.78
CA ILE B 15 -30.30 -9.08 -26.15
C ILE B 15 -31.41 -9.67 -27.04
N GLU B 16 -31.64 -10.95 -26.83
CA GLU B 16 -32.61 -11.73 -27.59
C GLU B 16 -34.03 -11.24 -27.41
N LYS B 17 -34.77 -11.31 -28.51
CA LYS B 17 -36.17 -10.93 -28.53
C LYS B 17 -36.99 -12.06 -27.88
N MET B 18 -37.91 -11.67 -27.03
CA MET B 18 -38.75 -12.64 -26.37
C MET B 18 -40.15 -12.17 -26.74
N ALA B 19 -40.72 -12.66 -27.83
CA ALA B 19 -42.07 -12.20 -28.22
C ALA B 19 -43.15 -13.09 -27.63
N SER B 20 -42.93 -14.39 -27.73
CA SER B 20 -43.84 -15.42 -27.22
C SER B 20 -43.82 -15.40 -25.69
N LYS B 21 -42.71 -14.95 -25.12
CA LYS B 21 -42.64 -14.85 -23.69
C LYS B 21 -43.11 -13.43 -23.34
N SER B 22 -43.52 -13.21 -22.08
CA SER B 22 -43.95 -11.88 -21.62
C SER B 22 -43.17 -11.59 -20.35
N PRO B 23 -42.74 -10.32 -20.15
CA PRO B 23 -41.95 -10.00 -18.95
C PRO B 23 -42.72 -10.23 -17.66
N PRO B 24 -42.37 -11.28 -16.94
CA PRO B 24 -43.04 -11.59 -15.67
C PRO B 24 -42.88 -10.52 -14.63
N PRO B 25 -43.84 -10.43 -13.68
CA PRO B 25 -43.79 -9.43 -12.60
C PRO B 25 -42.60 -9.69 -11.72
N LEU B 26 -41.86 -8.63 -11.37
CA LEU B 26 -40.74 -8.70 -10.47
C LEU B 26 -40.97 -7.58 -9.45
N LYS B 27 -41.01 -7.92 -8.17
CA LYS B 27 -41.23 -6.92 -7.15
C LYS B 27 -39.91 -6.60 -6.41
N ILE B 28 -39.50 -5.35 -6.47
CA ILE B 28 -38.26 -4.90 -5.87
C ILE B 28 -38.47 -3.88 -4.78
N ALA B 29 -37.99 -4.20 -3.59
CA ALA B 29 -38.08 -3.29 -2.48
C ALA B 29 -36.74 -2.56 -2.40
N VAL B 30 -36.76 -1.28 -2.02
CA VAL B 30 -35.52 -0.58 -1.78
C VAL B 30 -35.60 -0.33 -0.25
N ALA B 31 -34.47 -0.27 0.43
CA ALA B 31 -34.47 -0.02 1.88
C ALA B 31 -35.03 1.37 2.24
N ASN B 32 -35.73 1.45 3.37
CA ASN B 32 -36.31 2.73 3.85
C ASN B 32 -35.24 3.82 4.05
N TRP B 33 -34.05 3.38 4.45
CA TRP B 33 -32.93 4.27 4.67
C TRP B 33 -32.70 5.06 3.37
N TRP B 34 -33.10 4.50 2.24
CA TRP B 34 -32.86 5.22 1.01
C TRP B 34 -33.73 6.42 0.90
N GLY B 35 -33.07 7.55 0.64
CA GLY B 35 -33.76 8.82 0.46
C GLY B 35 -34.39 8.89 -0.91
N ASP B 36 -35.22 9.90 -1.15
CA ASP B 36 -35.91 10.00 -2.43
C ASP B 36 -35.02 10.16 -3.67
N GLU B 37 -33.99 10.98 -3.59
CA GLU B 37 -33.13 11.16 -4.73
C GLU B 37 -32.41 9.86 -5.07
N GLU B 38 -32.08 9.09 -4.03
CA GLU B 38 -31.39 7.84 -4.24
C GLU B 38 -32.33 6.83 -4.91
N ILE B 39 -33.63 6.96 -4.66
CA ILE B 39 -34.60 6.06 -5.27
C ILE B 39 -34.82 6.47 -6.72
N LYS B 40 -34.82 7.79 -6.97
CA LYS B 40 -35.01 8.26 -8.34
C LYS B 40 -33.79 7.91 -9.22
N GLU B 41 -32.61 7.96 -8.62
CA GLU B 41 -31.36 7.62 -9.33
C GLU B 41 -31.31 6.14 -9.71
N PHE B 42 -31.85 5.30 -8.82
CA PHE B 42 -31.88 3.88 -9.04
C PHE B 42 -32.88 3.57 -10.14
N LYS B 43 -34.02 4.24 -10.12
CA LYS B 43 -35.03 3.98 -11.16
C LYS B 43 -34.48 4.45 -12.52
N ASN B 44 -33.59 5.41 -12.48
CA ASN B 44 -33.04 5.90 -13.75
C ASN B 44 -31.70 5.28 -14.10
N SER B 45 -31.30 4.30 -13.32
CA SER B 45 -30.01 3.69 -13.57
C SER B 45 -30.03 2.67 -14.72
N VAL B 46 -28.84 2.38 -15.29
CA VAL B 46 -28.82 1.38 -16.32
C VAL B 46 -29.26 0.02 -15.74
N LEU B 47 -28.96 -0.26 -14.47
CA LEU B 47 -29.39 -1.57 -13.93
C LEU B 47 -30.90 -1.76 -14.03
N TYR B 48 -31.61 -0.71 -13.66
CA TYR B 48 -33.07 -0.77 -13.68
C TYR B 48 -33.57 -0.92 -15.12
N PHE B 49 -32.94 -0.18 -16.00
CA PHE B 49 -33.26 -0.17 -17.44
C PHE B 49 -33.08 -1.58 -18.02
N ILE B 50 -31.99 -2.25 -17.65
CA ILE B 50 -31.71 -3.60 -18.11
C ILE B 50 -32.73 -4.59 -17.57
N LEU B 51 -32.99 -4.55 -16.24
CA LEU B 51 -33.93 -5.48 -15.69
C LEU B 51 -35.36 -5.21 -16.31
N SER B 52 -35.73 -3.94 -16.58
CA SER B 52 -37.06 -3.69 -17.15
C SER B 52 -37.23 -4.35 -18.56
N GLN B 53 -36.13 -4.82 -19.12
CA GLN B 53 -36.20 -5.43 -20.44
C GLN B 53 -36.72 -6.85 -20.31
N ARG B 54 -36.55 -7.45 -19.14
CA ARG B 54 -36.99 -8.83 -18.99
C ARG B 54 -38.08 -9.05 -17.92
N TYR B 55 -38.36 -8.02 -17.14
CA TYR B 55 -39.34 -8.17 -16.05
C TYR B 55 -40.28 -6.96 -15.99
N THR B 56 -41.51 -7.16 -15.53
CA THR B 56 -42.45 -6.03 -15.34
C THR B 56 -42.22 -5.64 -13.86
N ILE B 57 -41.48 -4.56 -13.64
CA ILE B 57 -41.05 -4.21 -12.31
C ILE B 57 -41.99 -3.32 -11.52
N THR B 58 -42.10 -3.62 -10.21
CA THR B 58 -42.82 -2.77 -9.27
C THR B 58 -41.76 -2.47 -8.24
N LEU B 59 -41.43 -1.19 -8.06
CA LEU B 59 -40.44 -0.76 -7.11
C LEU B 59 -41.24 -0.15 -5.93
N HIS B 60 -40.91 -0.50 -4.69
CA HIS B 60 -41.68 0.09 -3.60
C HIS B 60 -40.81 0.20 -2.36
N GLN B 61 -41.37 0.76 -1.29
CA GLN B 61 -40.55 0.92 -0.09
C GLN B 61 -41.28 0.53 1.18
N ASN B 62 -42.02 -0.57 1.09
CA ASN B 62 -42.82 -1.12 2.17
C ASN B 62 -42.23 -2.40 2.80
N PRO B 63 -41.67 -2.34 4.01
CA PRO B 63 -41.13 -3.59 4.56
C PRO B 63 -42.13 -4.72 4.86
N ASN B 64 -43.43 -4.48 4.79
CA ASN B 64 -44.37 -5.57 5.09
C ASN B 64 -44.76 -6.35 3.86
N GLU B 65 -44.23 -5.94 2.72
CA GLU B 65 -44.61 -6.56 1.48
C GLU B 65 -43.53 -7.50 1.04
N PHE B 66 -43.93 -8.77 0.88
CA PHE B 66 -43.02 -9.81 0.42
C PHE B 66 -42.51 -9.44 -1.01
N SER B 67 -41.19 -9.36 -1.16
CA SER B 67 -40.61 -8.96 -2.44
C SER B 67 -39.66 -10.00 -2.98
N ASP B 68 -39.31 -9.89 -4.27
CA ASP B 68 -38.36 -10.82 -4.90
C ASP B 68 -36.91 -10.46 -4.56
N LEU B 69 -36.65 -9.15 -4.44
CA LEU B 69 -35.32 -8.60 -4.14
C LEU B 69 -35.47 -7.35 -3.27
N VAL B 70 -34.46 -7.06 -2.47
CA VAL B 70 -34.44 -5.85 -1.72
C VAL B 70 -33.06 -5.26 -1.95
N PHE B 71 -33.01 -4.00 -2.38
CA PHE B 71 -31.75 -3.28 -2.62
C PHE B 71 -31.42 -2.36 -1.47
N GLY B 72 -30.15 -2.34 -1.07
CA GLY B 72 -29.69 -1.46 0.00
C GLY B 72 -28.24 -0.95 -0.17
N ASN B 73 -27.73 -0.41 0.94
CA ASN B 73 -26.36 0.16 1.19
C ASN B 73 -26.28 0.03 2.75
N PRO B 74 -25.10 -0.28 3.34
CA PRO B 74 -25.07 -0.37 4.82
C PRO B 74 -25.38 0.98 5.52
N GLN B 85 -35.17 -8.79 7.76
CA GLN B 85 -35.94 -9.34 6.62
C GLN B 85 -35.29 -10.65 6.19
N ASN B 86 -36.03 -11.41 5.39
CA ASN B 86 -35.47 -12.64 4.89
C ASN B 86 -35.54 -12.67 3.38
N ALA B 87 -35.61 -11.51 2.77
CA ALA B 87 -35.64 -11.50 1.33
C ALA B 87 -34.15 -11.51 0.93
N LYS B 88 -33.89 -11.67 -0.35
CA LYS B 88 -32.52 -11.65 -0.89
C LYS B 88 -32.11 -10.18 -0.94
N ARG B 89 -30.97 -9.85 -0.34
CA ARG B 89 -30.53 -8.46 -0.29
C ARG B 89 -29.42 -8.19 -1.27
N VAL B 90 -29.55 -7.11 -2.03
CA VAL B 90 -28.57 -6.75 -3.05
C VAL B 90 -27.95 -5.38 -2.74
N PHE B 91 -26.63 -5.36 -2.63
CA PHE B 91 -25.88 -4.13 -2.38
C PHE B 91 -25.54 -3.49 -3.74
N TYR B 92 -25.75 -2.19 -3.86
CA TYR B 92 -25.48 -1.51 -5.10
C TYR B 92 -25.27 -0.04 -4.65
N THR B 93 -24.14 0.51 -5.02
CA THR B 93 -23.79 1.86 -4.60
C THR B 93 -22.91 2.48 -5.70
N GLY B 94 -22.77 3.80 -5.66
CA GLY B 94 -21.91 4.38 -6.68
C GLY B 94 -20.57 4.74 -6.08
N GLU B 95 -20.53 4.73 -4.75
CA GLU B 95 -19.37 5.08 -3.95
C GLU B 95 -18.23 4.08 -4.08
N ASN B 96 -17.05 4.50 -3.63
CA ASN B 96 -15.87 3.66 -3.66
C ASN B 96 -15.99 2.83 -2.35
N GLU B 97 -16.94 1.89 -2.30
CA GLU B 97 -17.16 1.10 -1.07
C GLU B 97 -17.30 -0.39 -1.40
N SER B 98 -16.41 -1.22 -0.84
CA SER B 98 -16.52 -2.67 -1.04
C SER B 98 -17.74 -3.21 -0.25
N PRO B 99 -18.42 -4.23 -0.81
CA PRO B 99 -19.61 -4.87 -0.21
C PRO B 99 -19.44 -5.51 1.14
N ASN B 100 -20.46 -5.45 2.00
CA ASN B 100 -20.37 -6.17 3.27
C ASN B 100 -21.15 -7.47 3.00
N PHE B 101 -20.49 -8.61 2.82
CA PHE B 101 -21.20 -9.83 2.50
C PHE B 101 -21.85 -10.51 3.66
N ASN B 102 -21.73 -9.92 4.86
CA ASN B 102 -22.42 -10.51 6.00
C ASN B 102 -23.83 -9.95 5.93
N LEU B 103 -23.96 -8.73 5.45
CA LEU B 103 -25.26 -8.10 5.41
C LEU B 103 -26.02 -8.31 4.11
N PHE B 104 -25.28 -8.46 3.01
CA PHE B 104 -25.90 -8.63 1.68
C PHE B 104 -25.61 -9.97 1.01
N ASP B 105 -26.66 -10.58 0.49
CA ASP B 105 -26.56 -11.84 -0.19
C ASP B 105 -25.82 -11.67 -1.51
N TYR B 106 -26.08 -10.55 -2.18
CA TYR B 106 -25.46 -10.29 -3.50
C TYR B 106 -24.96 -8.88 -3.56
N ALA B 107 -24.01 -8.62 -4.44
CA ALA B 107 -23.49 -7.26 -4.53
C ALA B 107 -23.07 -6.93 -5.96
N ILE B 108 -23.25 -5.66 -6.34
CA ILE B 108 -22.86 -5.16 -7.66
C ILE B 108 -21.89 -4.06 -7.32
N GLY B 109 -20.67 -4.07 -7.84
CA GLY B 109 -19.76 -2.98 -7.48
C GLY B 109 -18.62 -2.78 -8.45
N PHE B 110 -17.54 -2.17 -7.97
CA PHE B 110 -16.37 -1.89 -8.83
C PHE B 110 -15.20 -2.83 -8.57
N ASP B 111 -15.22 -3.44 -7.40
CA ASP B 111 -14.05 -4.24 -7.05
C ASP B 111 -13.69 -5.36 -8.03
N GLU B 112 -12.41 -5.67 -8.10
CA GLU B 112 -11.95 -6.75 -8.98
C GLU B 112 -11.94 -8.02 -8.09
N LEU B 113 -13.09 -8.59 -7.90
CA LEU B 113 -13.20 -9.71 -7.01
C LEU B 113 -14.10 -10.72 -7.64
N ASP B 114 -13.90 -11.98 -7.25
CA ASP B 114 -14.71 -13.07 -7.78
C ASP B 114 -15.25 -13.79 -6.58
N PHE B 115 -16.56 -13.79 -6.45
CA PHE B 115 -17.16 -14.49 -5.33
C PHE B 115 -18.27 -15.35 -5.97
N ASN B 116 -17.94 -15.93 -7.11
CA ASN B 116 -18.87 -16.78 -7.89
C ASN B 116 -20.19 -16.07 -8.12
N ASP B 117 -21.30 -16.70 -7.77
CA ASP B 117 -22.59 -16.05 -7.98
C ASP B 117 -22.98 -14.91 -7.11
N ARG B 118 -22.20 -14.61 -6.06
CA ARG B 118 -22.59 -13.52 -5.15
C ARG B 118 -22.20 -12.09 -5.54
N TYR B 119 -21.32 -11.98 -6.53
CA TYR B 119 -20.80 -10.67 -6.88
C TYR B 119 -20.69 -10.40 -8.36
N LEU B 120 -21.10 -9.19 -8.80
CA LEU B 120 -20.96 -8.77 -10.19
C LEU B 120 -20.25 -7.40 -10.26
N ARG B 121 -19.23 -7.29 -11.10
CA ARG B 121 -18.59 -5.98 -11.25
C ARG B 121 -19.35 -5.22 -12.36
N MET B 122 -19.95 -4.06 -12.03
CA MET B 122 -20.63 -3.21 -13.04
C MET B 122 -20.30 -1.75 -12.60
N PRO B 123 -19.17 -1.23 -13.09
CA PRO B 123 -18.68 0.13 -12.76
C PRO B 123 -19.64 1.18 -13.24
N LEU B 124 -19.56 2.33 -12.57
CA LEU B 124 -20.40 3.44 -12.88
C LEU B 124 -20.20 3.95 -14.28
N TYR B 125 -19.04 3.72 -14.88
CA TYR B 125 -18.92 4.18 -16.27
C TYR B 125 -19.95 3.54 -17.20
N TYR B 126 -20.37 2.32 -16.93
CA TYR B 126 -21.34 1.64 -17.77
C TYR B 126 -22.68 2.38 -17.65
N ASP B 127 -23.05 2.77 -16.42
CA ASP B 127 -24.29 3.54 -16.24
C ASP B 127 -24.12 4.91 -16.95
N ARG B 128 -22.94 5.52 -16.94
CA ARG B 128 -22.84 6.82 -17.63
C ARG B 128 -23.04 6.57 -19.17
N LEU B 129 -22.51 5.47 -19.68
CA LEU B 129 -22.72 5.19 -21.11
C LEU B 129 -24.20 5.07 -21.47
N HIS B 130 -25.00 4.47 -20.59
CA HIS B 130 -26.42 4.33 -20.77
C HIS B 130 -27.01 5.71 -20.99
N HIS B 131 -26.63 6.64 -20.12
CA HIS B 131 -27.17 7.97 -20.20
C HIS B 131 -26.74 8.69 -21.47
N LYS B 132 -25.47 8.56 -21.85
CA LYS B 132 -24.98 9.20 -23.06
C LYS B 132 -25.76 8.68 -24.27
N ALA B 133 -25.92 7.37 -24.35
CA ALA B 133 -26.63 6.71 -25.43
C ALA B 133 -28.04 7.27 -25.55
N GLU B 134 -28.73 7.42 -24.44
CA GLU B 134 -30.08 7.91 -24.57
C GLU B 134 -30.09 9.38 -25.02
N SER B 135 -29.11 10.13 -24.58
CA SER B 135 -29.02 11.56 -24.88
C SER B 135 -28.68 11.81 -26.36
N VAL B 136 -28.13 10.80 -27.00
CA VAL B 136 -27.72 10.86 -28.39
C VAL B 136 -28.79 10.33 -29.38
N ASN B 137 -29.91 9.83 -28.84
CA ASN B 137 -31.07 9.39 -29.66
C ASN B 137 -31.71 10.77 -29.97
N ASP B 138 -31.03 11.56 -30.78
CA ASP B 138 -31.47 12.92 -31.08
C ASP B 138 -31.10 13.22 -32.51
N THR B 139 -32.06 13.72 -33.28
CA THR B 139 -31.81 14.00 -34.69
C THR B 139 -30.73 15.06 -34.91
N THR B 140 -30.29 15.72 -33.84
CA THR B 140 -29.26 16.75 -33.96
C THR B 140 -27.93 16.35 -33.35
N ALA B 141 -27.86 15.16 -32.76
CA ALA B 141 -26.61 14.71 -32.12
C ALA B 141 -25.52 14.30 -33.12
N PRO B 142 -24.26 14.56 -32.78
CA PRO B 142 -23.13 14.21 -33.66
C PRO B 142 -22.65 12.74 -33.58
N TYR B 143 -23.29 11.96 -32.71
CA TYR B 143 -22.98 10.55 -32.51
C TYR B 143 -24.14 9.71 -33.04
N LYS B 144 -23.85 8.64 -33.76
CA LYS B 144 -24.92 7.80 -34.30
C LYS B 144 -25.23 6.43 -33.62
N LEU B 145 -26.52 6.15 -33.48
CA LEU B 145 -26.97 4.88 -32.92
C LEU B 145 -27.39 3.99 -34.10
N LYS B 146 -26.97 2.72 -34.10
CA LYS B 146 -27.35 1.79 -35.15
C LYS B 146 -28.87 1.77 -35.25
N ASP B 147 -29.35 1.66 -36.48
CA ASP B 147 -30.79 1.67 -36.75
C ASP B 147 -31.56 0.54 -36.08
N ASN B 148 -32.73 0.88 -35.56
CA ASN B 148 -33.60 -0.07 -34.91
C ASN B 148 -33.04 -0.74 -33.63
N SER B 149 -31.85 -0.36 -33.14
CA SER B 149 -31.38 -1.00 -31.91
C SER B 149 -32.19 -0.47 -30.73
N LEU B 150 -31.98 -1.07 -29.57
CA LEU B 150 -32.71 -0.69 -28.39
C LEU B 150 -32.75 0.81 -28.11
N TYR B 151 -31.62 1.50 -28.10
CA TYR B 151 -31.68 2.93 -27.82
C TYR B 151 -32.24 3.79 -28.94
N ALA B 152 -32.44 3.21 -30.12
CA ALA B 152 -33.02 3.96 -31.26
C ALA B 152 -34.56 3.80 -31.25
N LEU B 153 -35.06 2.87 -30.44
CA LEU B 153 -36.47 2.61 -30.34
C LEU B 153 -37.35 3.77 -29.92
N LYS B 154 -36.97 4.53 -28.89
CA LYS B 154 -37.80 5.65 -28.47
C LYS B 154 -37.80 6.80 -29.50
N LYS B 155 -38.77 7.72 -29.39
CA LYS B 155 -38.81 8.85 -30.33
C LYS B 155 -37.64 9.73 -29.95
N PRO B 156 -36.90 10.21 -30.96
CA PRO B 156 -35.74 11.07 -30.67
C PRO B 156 -36.08 12.49 -30.31
N SER B 157 -35.11 13.16 -29.72
CA SER B 157 -35.28 14.57 -29.37
C SER B 157 -34.59 15.37 -30.48
N HIS B 158 -34.60 16.69 -30.37
CA HIS B 158 -34.01 17.51 -31.42
C HIS B 158 -33.21 18.66 -30.82
N CYS B 159 -32.86 18.55 -29.55
CA CYS B 159 -32.15 19.61 -28.88
C CYS B 159 -30.66 19.46 -28.70
N PHE B 160 -30.08 18.36 -29.15
CA PHE B 160 -28.67 18.20 -28.88
C PHE B 160 -27.70 19.26 -29.40
N LYS B 161 -27.82 19.60 -30.68
CA LYS B 161 -26.93 20.59 -31.30
C LYS B 161 -27.03 21.96 -30.65
N GLU B 162 -28.25 22.31 -30.28
CA GLU B 162 -28.52 23.57 -29.64
C GLU B 162 -27.86 23.68 -28.27
N LYS B 163 -27.86 22.59 -27.51
CA LYS B 163 -27.28 22.63 -26.16
C LYS B 163 -25.79 22.32 -26.11
N HIS B 164 -25.24 21.78 -27.19
CA HIS B 164 -23.80 21.48 -27.24
C HIS B 164 -23.26 21.95 -28.57
N PRO B 165 -23.28 23.26 -28.84
CA PRO B 165 -22.77 23.72 -30.14
C PRO B 165 -21.33 23.42 -30.44
N ASN B 166 -20.45 23.69 -29.49
CA ASN B 166 -19.03 23.45 -29.73
C ASN B 166 -18.69 21.98 -29.83
N LEU B 167 -19.41 21.14 -29.09
CA LEU B 167 -19.14 19.69 -29.13
C LEU B 167 -19.51 19.13 -30.51
N CYS B 168 -20.67 19.55 -31.03
CA CYS B 168 -21.09 19.08 -32.34
C CYS B 168 -20.11 19.53 -33.38
N ALA B 169 -19.76 20.80 -33.31
CA ALA B 169 -18.81 21.36 -34.24
C ALA B 169 -17.49 20.63 -34.34
N VAL B 170 -16.88 20.29 -33.20
CA VAL B 170 -15.59 19.63 -33.28
C VAL B 170 -15.73 18.19 -33.75
N VAL B 171 -16.73 17.50 -33.25
CA VAL B 171 -16.95 16.12 -33.67
C VAL B 171 -17.35 16.07 -35.17
N ASN B 172 -18.12 17.08 -35.58
CA ASN B 172 -18.58 17.20 -36.95
C ASN B 172 -17.50 17.77 -37.89
N ASP B 173 -16.26 17.79 -37.40
CA ASP B 173 -15.10 18.25 -38.18
C ASP B 173 -15.18 19.66 -38.75
N GLU B 174 -16.06 20.47 -38.18
CA GLU B 174 -16.24 21.85 -38.60
C GLU B 174 -15.38 22.77 -37.75
N SER B 175 -14.58 22.18 -36.88
CA SER B 175 -13.73 22.95 -36.00
C SER B 175 -12.46 22.16 -35.81
N ASP B 176 -11.42 22.85 -35.39
CA ASP B 176 -10.14 22.24 -35.20
C ASP B 176 -10.01 21.86 -33.70
N PRO B 177 -9.61 20.60 -33.40
CA PRO B 177 -9.48 20.19 -31.99
C PRO B 177 -8.27 20.81 -31.31
N LEU B 178 -7.29 21.22 -32.10
CA LEU B 178 -6.10 21.84 -31.60
C LEU B 178 -6.39 23.28 -31.22
N LYS B 179 -7.43 23.85 -31.83
CA LYS B 179 -7.78 25.23 -31.55
C LYS B 179 -8.67 25.38 -30.35
N ARG B 180 -8.22 24.90 -29.20
CA ARG B 180 -9.04 25.02 -28.01
C ARG B 180 -8.19 25.39 -26.83
N GLY B 181 -8.87 25.63 -25.72
CA GLY B 181 -8.21 25.93 -24.44
C GLY B 181 -7.34 24.74 -24.04
N PHE B 182 -6.59 24.89 -22.96
CA PHE B 182 -5.67 23.83 -22.56
C PHE B 182 -6.29 22.60 -21.88
N ALA B 183 -6.95 22.83 -20.75
CA ALA B 183 -7.50 21.74 -19.99
C ALA B 183 -8.53 22.22 -19.03
N SER B 184 -9.60 21.43 -18.89
CA SER B 184 -10.71 21.73 -17.99
C SER B 184 -10.65 20.90 -16.68
N PHE B 185 -11.34 21.36 -15.66
CA PHE B 185 -11.36 20.65 -14.40
C PHE B 185 -12.70 21.01 -13.81
N VAL B 186 -13.55 20.00 -13.71
CA VAL B 186 -14.87 20.17 -13.18
C VAL B 186 -15.08 19.33 -11.92
N ALA B 187 -15.01 19.98 -10.76
CA ALA B 187 -15.22 19.32 -9.49
C ALA B 187 -15.85 20.25 -8.45
N SER B 188 -16.68 19.69 -7.59
CA SER B 188 -17.27 20.48 -6.55
C SER B 188 -17.07 19.80 -5.21
N ASN B 189 -16.53 18.57 -5.22
CA ASN B 189 -16.25 17.88 -3.96
C ASN B 189 -14.81 18.31 -3.68
N PRO B 190 -14.59 19.04 -2.56
CA PRO B 190 -13.22 19.51 -2.23
C PRO B 190 -12.42 18.46 -1.48
N ASN B 191 -13.13 17.47 -0.94
CA ASN B 191 -12.46 16.45 -0.17
C ASN B 191 -11.71 15.39 -1.00
N ALA B 192 -10.75 15.85 -1.82
CA ALA B 192 -9.95 14.98 -2.67
C ALA B 192 -8.61 15.65 -2.88
N PRO B 193 -7.73 15.53 -1.89
CA PRO B 193 -6.37 16.08 -1.83
C PRO B 193 -5.49 15.81 -3.02
N ILE B 194 -5.42 14.56 -3.43
CA ILE B 194 -4.58 14.23 -4.54
C ILE B 194 -4.98 14.98 -5.84
N ARG B 195 -6.29 15.03 -6.10
CA ARG B 195 -6.88 15.73 -7.27
C ARG B 195 -6.59 17.27 -7.16
N ASN B 196 -6.83 17.80 -5.96
CA ASN B 196 -6.60 19.25 -5.71
C ASN B 196 -5.16 19.56 -5.90
N ALA B 197 -4.30 18.68 -5.40
CA ALA B 197 -2.89 18.93 -5.56
C ALA B 197 -2.35 18.74 -6.98
N PHE B 198 -2.96 17.85 -7.77
CA PHE B 198 -2.47 17.69 -9.15
C PHE B 198 -2.95 18.93 -9.96
N TYR B 199 -4.14 19.44 -9.65
CA TYR B 199 -4.64 20.63 -10.34
C TYR B 199 -3.62 21.77 -10.09
N ASP B 200 -3.40 22.13 -8.82
CA ASP B 200 -2.43 23.16 -8.46
C ASP B 200 -1.14 22.92 -9.21
N ALA B 201 -0.60 21.69 -9.16
CA ALA B 201 0.65 21.41 -9.86
C ALA B 201 0.61 21.75 -11.35
N LEU B 202 -0.30 21.10 -12.08
CA LEU B 202 -0.46 21.31 -13.51
C LEU B 202 -0.73 22.78 -13.89
N ASN B 203 -1.64 23.40 -13.15
CA ASN B 203 -2.05 24.78 -13.36
C ASN B 203 -0.88 25.78 -13.27
N SER B 204 0.05 25.53 -12.34
CA SER B 204 1.20 26.40 -12.18
C SER B 204 2.16 26.23 -13.36
N ILE B 205 1.84 25.35 -14.29
CA ILE B 205 2.68 25.18 -15.47
C ILE B 205 1.92 25.68 -16.69
N GLU B 206 0.60 25.56 -16.67
CA GLU B 206 -0.25 25.95 -17.79
C GLU B 206 -1.60 26.19 -17.18
N PRO B 207 -2.15 27.39 -17.30
CA PRO B 207 -3.46 27.49 -16.66
C PRO B 207 -4.48 26.38 -17.03
N VAL B 208 -5.22 25.94 -16.01
CA VAL B 208 -6.24 24.93 -16.12
C VAL B 208 -7.54 25.61 -15.70
N THR B 209 -8.56 25.50 -16.56
CA THR B 209 -9.86 26.13 -16.34
C THR B 209 -10.85 25.37 -15.44
N GLY B 210 -11.36 26.05 -14.39
CA GLY B 210 -12.27 25.43 -13.43
C GLY B 210 -13.76 25.73 -13.50
N GLY B 211 -14.55 24.72 -13.83
CA GLY B 211 -15.97 24.92 -13.99
C GLY B 211 -16.84 24.49 -12.85
N GLY B 212 -16.24 23.94 -11.80
CA GLY B 212 -17.01 23.53 -10.64
C GLY B 212 -16.63 24.38 -9.44
N SER B 213 -17.25 24.13 -8.28
CA SER B 213 -16.98 24.85 -7.02
C SER B 213 -15.50 24.84 -6.67
N VAL B 214 -14.81 23.78 -7.07
CA VAL B 214 -13.42 23.66 -6.71
C VAL B 214 -12.47 24.19 -7.74
N ARG B 215 -11.56 25.03 -7.24
CA ARG B 215 -10.55 25.70 -8.04
C ARG B 215 -11.29 26.36 -9.19
N ASN B 216 -12.46 26.89 -8.87
CA ASN B 216 -13.24 27.56 -9.88
C ASN B 216 -12.49 28.77 -10.44
N THR B 217 -12.59 28.94 -11.75
CA THR B 217 -11.89 30.00 -12.43
C THR B 217 -12.77 30.85 -13.37
N LEU B 218 -14.00 30.42 -13.55
CA LEU B 218 -14.94 31.10 -14.44
C LEU B 218 -15.71 32.20 -13.76
N GLY B 219 -15.95 32.03 -12.47
CA GLY B 219 -16.72 33.02 -11.76
C GLY B 219 -18.14 32.50 -11.59
N TYR B 220 -18.38 31.29 -12.10
CA TYR B 220 -19.68 30.61 -11.99
C TYR B 220 -19.44 29.12 -12.24
N ASN B 221 -20.43 28.30 -11.91
CA ASN B 221 -20.30 26.87 -12.12
C ASN B 221 -21.01 26.42 -13.37
N VAL B 222 -20.22 25.93 -14.31
CA VAL B 222 -20.75 25.48 -15.58
C VAL B 222 -22.01 24.65 -15.38
N LYS B 223 -22.92 24.78 -16.36
CA LYS B 223 -24.21 24.11 -16.35
C LYS B 223 -24.13 22.84 -17.18
N ASN B 224 -23.45 22.90 -18.31
CA ASN B 224 -23.36 21.71 -19.13
C ASN B 224 -21.90 21.32 -19.14
N LYS B 225 -21.59 20.29 -18.36
CA LYS B 225 -20.24 19.78 -18.30
C LYS B 225 -19.79 19.29 -19.67
N ASN B 226 -20.68 18.58 -20.36
CA ASN B 226 -20.36 18.04 -21.69
C ASN B 226 -19.82 19.19 -22.61
N GLU B 227 -20.65 20.20 -22.83
CA GLU B 227 -20.29 21.31 -23.73
C GLU B 227 -19.02 21.99 -23.23
N PHE B 228 -18.98 22.24 -21.94
CA PHE B 228 -17.80 22.87 -21.36
C PHE B 228 -16.52 22.07 -21.63
N LEU B 229 -16.56 20.75 -21.44
CA LEU B 229 -15.33 20.00 -21.71
C LEU B 229 -14.92 20.01 -23.15
N SER B 230 -15.88 20.06 -24.07
CA SER B 230 -15.53 20.08 -25.51
C SER B 230 -14.70 21.30 -25.94
N GLN B 231 -14.68 22.36 -25.12
CA GLN B 231 -13.91 23.58 -25.45
C GLN B 231 -12.44 23.56 -25.03
N TYR B 232 -11.94 22.40 -24.59
CA TYR B 232 -10.54 22.31 -24.18
C TYR B 232 -9.90 21.03 -24.69
N LYS B 233 -8.58 21.05 -24.87
CA LYS B 233 -7.80 19.92 -25.39
C LYS B 233 -7.67 18.72 -24.43
N PHE B 234 -7.88 18.96 -23.12
CA PHE B 234 -7.73 17.91 -22.13
C PHE B 234 -8.70 18.11 -21.03
N ASN B 235 -8.95 17.05 -20.26
CA ASN B 235 -9.84 17.18 -19.14
C ASN B 235 -9.10 16.52 -17.98
N LEU B 236 -8.96 17.26 -16.89
CA LEU B 236 -8.28 16.78 -15.68
C LEU B 236 -9.36 15.87 -15.12
N CYS B 237 -9.12 14.57 -15.23
CA CYS B 237 -10.11 13.54 -14.93
C CYS B 237 -9.75 12.58 -13.77
N PHE B 238 -9.77 13.11 -12.54
CA PHE B 238 -9.45 12.37 -11.31
C PHE B 238 -10.63 11.88 -10.50
N GLU B 239 -10.61 10.60 -10.08
CA GLU B 239 -11.63 10.09 -9.20
C GLU B 239 -11.36 10.83 -7.86
N ASN B 240 -12.29 10.74 -6.92
CA ASN B 240 -12.16 11.42 -5.64
C ASN B 240 -11.22 10.66 -4.69
N THR B 241 -10.91 9.41 -5.07
CA THR B 241 -10.06 8.54 -4.25
C THR B 241 -9.53 7.37 -5.10
N GLN B 242 -8.50 6.69 -4.64
CA GLN B 242 -7.97 5.54 -5.41
C GLN B 242 -8.62 4.25 -4.91
N GLY B 243 -9.00 3.40 -5.85
CA GLY B 243 -9.58 2.09 -5.56
C GLY B 243 -9.34 1.26 -6.81
N TYR B 244 -8.93 0.00 -6.63
CA TYR B 244 -8.72 -0.84 -7.79
C TYR B 244 -10.05 -1.22 -8.43
N GLY B 245 -10.25 -0.79 -9.69
CA GLY B 245 -11.48 -1.00 -10.45
C GLY B 245 -12.47 0.16 -10.32
N TYR B 246 -12.15 1.13 -9.47
CA TYR B 246 -13.06 2.24 -9.23
C TYR B 246 -12.98 3.30 -10.36
N VAL B 247 -13.73 3.07 -11.44
CA VAL B 247 -13.71 3.98 -12.64
C VAL B 247 -15.15 4.44 -12.79
N THR B 248 -15.38 5.74 -12.58
CA THR B 248 -16.73 6.28 -12.59
C THR B 248 -17.08 6.93 -13.92
N GLU B 249 -18.09 7.79 -13.88
CA GLU B 249 -18.54 8.49 -15.07
C GLU B 249 -17.52 9.42 -15.69
N LYS B 250 -16.55 9.84 -14.88
CA LYS B 250 -15.62 10.85 -15.32
C LYS B 250 -14.87 10.58 -16.61
N ILE B 251 -14.24 9.41 -16.73
CA ILE B 251 -13.55 9.16 -17.96
C ILE B 251 -14.53 9.15 -19.17
N ILE B 252 -15.78 8.74 -18.95
CA ILE B 252 -16.76 8.66 -20.05
C ILE B 252 -17.10 10.12 -20.53
N ASP B 253 -17.24 11.04 -19.57
CA ASP B 253 -17.50 12.43 -19.88
C ASP B 253 -16.35 12.99 -20.74
N ALA B 254 -15.10 12.64 -20.44
CA ALA B 254 -14.01 13.15 -21.27
C ALA B 254 -14.12 12.59 -22.73
N TYR B 255 -14.26 11.27 -22.87
CA TYR B 255 -14.36 10.69 -24.22
C TYR B 255 -15.50 11.33 -25.01
N PHE B 256 -16.67 11.38 -24.39
CA PHE B 256 -17.87 11.93 -25.01
C PHE B 256 -17.72 13.41 -25.41
N SER B 257 -16.87 14.12 -24.68
CA SER B 257 -16.70 15.52 -24.95
C SER B 257 -15.55 15.72 -25.92
N HIS B 258 -15.05 14.64 -26.50
CA HIS B 258 -13.97 14.76 -27.46
C HIS B 258 -12.73 15.49 -26.92
N THR B 259 -12.25 15.07 -25.75
CA THR B 259 -11.09 15.68 -25.14
C THR B 259 -10.27 14.56 -24.49
N ILE B 260 -8.96 14.74 -24.43
CA ILE B 260 -8.09 13.72 -23.83
C ILE B 260 -8.26 13.67 -22.30
N PRO B 261 -8.49 12.45 -21.74
CA PRO B 261 -8.66 12.41 -20.27
C PRO B 261 -7.30 12.32 -19.65
N ILE B 262 -7.05 13.08 -18.58
CA ILE B 262 -5.78 12.89 -17.87
C ILE B 262 -6.42 12.22 -16.65
N TYR B 263 -6.15 10.93 -16.55
CA TYR B 263 -6.81 10.07 -15.55
C TYR B 263 -6.01 9.57 -14.36
N TRP B 264 -6.72 9.52 -13.25
CA TRP B 264 -6.16 8.99 -12.01
C TRP B 264 -7.29 8.49 -11.16
N GLY B 265 -7.10 7.32 -10.52
CA GLY B 265 -8.14 6.84 -9.66
C GLY B 265 -7.95 5.33 -9.53
N SER B 266 -8.38 4.62 -10.54
CA SER B 266 -8.20 3.16 -10.53
C SER B 266 -6.82 2.83 -11.15
N PRO B 267 -5.89 2.22 -10.36
CA PRO B 267 -4.63 1.93 -10.99
C PRO B 267 -4.72 0.85 -12.06
N SER B 268 -5.85 0.14 -12.13
CA SER B 268 -6.00 -0.92 -13.13
C SER B 268 -6.93 -0.42 -14.24
N VAL B 269 -7.11 0.89 -14.34
CA VAL B 269 -7.97 1.41 -15.41
C VAL B 269 -7.59 0.90 -16.85
N ALA B 270 -6.34 0.56 -17.13
CA ALA B 270 -5.99 0.06 -18.48
C ALA B 270 -6.69 -1.24 -18.85
N LYS B 271 -7.22 -1.93 -17.85
CA LYS B 271 -7.97 -3.16 -18.16
C LYS B 271 -9.31 -2.74 -18.76
N ASP B 272 -9.90 -1.66 -18.25
CA ASP B 272 -11.16 -1.19 -18.74
C ASP B 272 -11.08 -0.37 -20.07
N PHE B 273 -10.03 0.43 -20.21
CA PHE B 273 -9.88 1.34 -21.39
C PHE B 273 -8.53 1.26 -22.05
N ASN B 274 -8.55 1.51 -23.36
CA ASN B 274 -7.34 1.50 -24.20
C ASN B 274 -6.35 2.50 -23.65
N PRO B 275 -5.21 2.03 -23.15
CA PRO B 275 -4.22 2.98 -22.60
C PRO B 275 -3.65 4.01 -23.66
N LYS B 276 -3.81 3.74 -24.94
CA LYS B 276 -3.30 4.66 -25.97
C LYS B 276 -4.24 5.83 -26.18
N SER B 277 -5.44 5.72 -25.58
CA SER B 277 -6.47 6.74 -25.68
C SER B 277 -6.54 7.76 -24.55
N PHE B 278 -5.66 7.63 -23.57
CA PHE B 278 -5.65 8.55 -22.46
C PHE B 278 -4.32 8.65 -21.71
N VAL B 279 -4.16 9.65 -20.86
CA VAL B 279 -2.94 9.80 -20.09
C VAL B 279 -3.31 9.10 -18.79
N ASN B 280 -2.50 8.12 -18.43
CA ASN B 280 -2.73 7.37 -17.20
C ASN B 280 -1.71 7.84 -16.18
N VAL B 281 -2.10 8.72 -15.29
CA VAL B 281 -1.14 9.23 -14.32
C VAL B 281 -0.55 8.07 -13.50
N HIS B 282 -1.26 6.92 -13.41
CA HIS B 282 -0.71 5.80 -12.64
C HIS B 282 0.53 5.19 -13.30
N ASP B 283 0.72 5.47 -14.59
CA ASP B 283 1.92 4.88 -15.22
C ASP B 283 3.24 5.59 -14.77
N PHE B 284 3.15 6.72 -14.09
CA PHE B 284 4.34 7.53 -13.71
C PHE B 284 4.72 7.43 -12.23
N LYS B 285 5.98 7.70 -11.94
CA LYS B 285 6.46 7.57 -10.57
C LYS B 285 6.16 8.80 -9.71
N ASN B 286 5.88 9.92 -10.37
CA ASN B 286 5.51 11.12 -9.66
C ASN B 286 4.71 11.99 -10.59
N PHE B 287 4.08 13.01 -10.03
CA PHE B 287 3.28 13.91 -10.82
C PHE B 287 4.10 14.70 -11.82
N ASP B 288 5.33 15.05 -11.46
CA ASP B 288 6.17 15.78 -12.39
C ASP B 288 6.30 15.04 -13.72
N GLU B 289 6.65 13.76 -13.66
CA GLU B 289 6.79 13.00 -14.91
C GLU B 289 5.49 12.93 -15.71
N ALA B 290 4.37 12.96 -15.04
CA ALA B 290 3.09 12.90 -15.72
C ALA B 290 2.81 14.24 -16.41
N ILE B 291 3.14 15.32 -15.71
CA ILE B 291 2.96 16.64 -16.27
C ILE B 291 3.94 16.80 -17.46
N ASP B 292 5.09 16.16 -17.39
CA ASP B 292 6.06 16.22 -18.49
C ASP B 292 5.50 15.58 -19.75
N TYR B 293 4.70 14.54 -19.56
CA TYR B 293 4.09 13.85 -20.69
C TYR B 293 2.88 14.65 -21.18
N ILE B 294 2.16 15.31 -20.29
CA ILE B 294 1.02 16.12 -20.66
C ILE B 294 1.49 17.36 -21.50
N LYS B 295 2.65 17.93 -21.10
CA LYS B 295 3.25 19.07 -21.81
C LYS B 295 3.64 18.60 -23.21
N TYR B 296 4.25 17.44 -23.30
CA TYR B 296 4.64 16.90 -24.59
C TYR B 296 3.42 16.80 -25.51
N LEU B 297 2.36 16.15 -25.04
CA LEU B 297 1.17 16.03 -25.88
C LEU B 297 0.59 17.36 -26.37
N HIS B 298 0.65 18.38 -25.52
CA HIS B 298 0.10 19.67 -25.83
C HIS B 298 0.94 20.39 -26.85
N THR B 299 2.16 19.90 -27.05
CA THR B 299 3.09 20.56 -27.97
C THR B 299 3.48 19.72 -29.16
N HIS B 300 2.90 18.54 -29.27
CA HIS B 300 3.19 17.69 -30.40
C HIS B 300 1.82 17.30 -30.93
N LYS B 301 1.34 18.09 -31.89
CA LYS B 301 0.02 17.90 -32.49
C LYS B 301 -0.31 16.49 -32.99
N ASN B 302 0.67 15.81 -33.57
CA ASN B 302 0.42 14.47 -34.11
C ASN B 302 0.05 13.56 -32.96
N ALA B 303 0.94 13.47 -31.97
CA ALA B 303 0.78 12.63 -30.78
C ALA B 303 -0.51 12.95 -30.09
N TYR B 304 -0.89 14.22 -30.07
CA TYR B 304 -2.10 14.61 -29.43
C TYR B 304 -3.25 14.04 -30.23
N LEU B 305 -3.32 14.38 -31.52
CA LEU B 305 -4.39 13.85 -32.35
C LEU B 305 -4.39 12.32 -32.36
N ASP B 306 -3.24 11.68 -32.39
CA ASP B 306 -3.24 10.20 -32.39
C ASP B 306 -4.01 9.67 -31.17
N MET B 307 -3.76 10.29 -30.02
CA MET B 307 -4.43 9.83 -28.83
C MET B 307 -5.89 10.13 -28.87
N LEU B 308 -6.25 11.28 -29.44
CA LEU B 308 -7.67 11.63 -29.45
C LEU B 308 -8.51 10.75 -30.38
N TYR B 309 -7.84 10.11 -31.33
CA TYR B 309 -8.52 9.28 -32.29
C TYR B 309 -8.45 7.79 -31.99
N GLU B 310 -7.78 7.42 -30.91
CA GLU B 310 -7.75 6.01 -30.54
C GLU B 310 -9.17 5.55 -30.11
N ASN B 311 -9.44 4.26 -30.22
CA ASN B 311 -10.73 3.68 -29.79
C ASN B 311 -10.59 3.76 -28.23
N PRO B 312 -11.63 4.23 -27.53
CA PRO B 312 -11.48 4.27 -26.07
C PRO B 312 -11.31 2.86 -25.48
N LEU B 313 -11.79 1.86 -26.19
CA LEU B 313 -11.72 0.46 -25.73
C LEU B 313 -10.59 -0.31 -26.26
N ASN B 314 -10.23 -1.33 -25.48
CA ASN B 314 -9.21 -2.26 -25.89
C ASN B 314 -9.85 -3.16 -26.93
N THR B 315 -9.00 -3.76 -27.75
CA THR B 315 -9.52 -4.64 -28.75
C THR B 315 -8.83 -5.99 -28.69
N LEU B 316 -9.60 -7.03 -28.91
CA LEU B 316 -9.04 -8.38 -28.94
C LEU B 316 -9.79 -9.22 -29.99
N ASP B 317 -9.07 -10.09 -30.71
CA ASP B 317 -9.72 -10.98 -31.71
C ASP B 317 -10.55 -10.20 -32.67
N GLY B 318 -10.06 -9.02 -33.03
CA GLY B 318 -10.71 -8.13 -33.97
C GLY B 318 -11.91 -7.38 -33.50
N LYS B 319 -12.13 -7.33 -32.19
CA LYS B 319 -13.36 -6.69 -31.68
C LYS B 319 -13.05 -5.86 -30.39
N ALA B 320 -13.52 -4.63 -30.33
CA ALA B 320 -13.35 -3.78 -29.15
C ALA B 320 -14.18 -4.53 -28.08
N TYR B 321 -13.76 -4.46 -26.83
CA TYR B 321 -14.54 -5.19 -25.83
C TYR B 321 -14.56 -4.44 -24.47
N PHE B 322 -15.60 -4.68 -23.65
CA PHE B 322 -15.66 -4.15 -22.29
C PHE B 322 -14.97 -5.23 -21.46
N TYR B 323 -14.16 -4.80 -20.48
CA TYR B 323 -13.44 -5.75 -19.63
C TYR B 323 -14.39 -6.78 -18.99
N GLN B 324 -13.98 -8.06 -19.07
CA GLN B 324 -14.74 -9.21 -18.56
C GLN B 324 -16.13 -9.33 -19.18
N ASN B 325 -16.22 -8.83 -20.41
CA ASN B 325 -17.45 -8.90 -21.15
C ASN B 325 -18.74 -8.38 -20.49
N LEU B 326 -18.59 -7.26 -19.80
CA LEU B 326 -19.72 -6.59 -19.16
C LEU B 326 -20.73 -6.30 -20.29
N SER B 327 -21.99 -6.69 -20.09
CA SER B 327 -23.02 -6.54 -21.09
C SER B 327 -24.39 -6.72 -20.47
N PHE B 328 -25.45 -6.37 -21.20
CA PHE B 328 -26.79 -6.60 -20.65
C PHE B 328 -26.98 -8.09 -20.35
N LYS B 329 -26.47 -8.98 -21.22
CA LYS B 329 -26.65 -10.41 -20.93
C LYS B 329 -26.00 -10.88 -19.66
N LYS B 330 -24.80 -10.37 -19.39
CA LYS B 330 -24.08 -10.73 -18.15
C LYS B 330 -24.88 -10.30 -16.91
N ILE B 331 -25.39 -9.09 -16.97
CA ILE B 331 -26.19 -8.49 -15.86
C ILE B 331 -27.48 -9.30 -15.71
N LEU B 332 -28.20 -9.56 -16.81
CA LEU B 332 -29.45 -10.31 -16.75
C LEU B 332 -29.22 -11.73 -16.21
N ALA B 333 -28.13 -12.39 -16.66
CA ALA B 333 -27.85 -13.74 -16.18
C ALA B 333 -27.56 -13.72 -14.68
N PHE B 334 -26.80 -12.73 -14.22
CA PHE B 334 -26.51 -12.59 -12.80
C PHE B 334 -27.85 -12.53 -12.00
N PHE B 335 -28.81 -11.70 -12.44
CA PHE B 335 -30.07 -11.64 -11.71
C PHE B 335 -30.95 -12.86 -11.88
N LYS B 336 -30.90 -13.52 -13.04
CA LYS B 336 -31.69 -14.72 -13.21
C LYS B 336 -31.16 -15.78 -12.20
N THR B 337 -29.81 -15.84 -12.03
CA THR B 337 -29.29 -16.78 -11.05
C THR B 337 -29.75 -16.40 -9.63
N ILE B 338 -29.81 -15.10 -9.32
CA ILE B 338 -30.26 -14.75 -7.97
C ILE B 338 -31.71 -15.21 -7.77
N LEU B 339 -32.56 -14.88 -8.73
CA LEU B 339 -33.96 -15.21 -8.61
C LEU B 339 -34.23 -16.69 -8.46
N GLU B 340 -33.50 -17.52 -9.19
CA GLU B 340 -33.70 -18.98 -9.12
C GLU B 340 -33.05 -19.67 -7.91
N ASN B 341 -32.16 -18.97 -7.21
CA ASN B 341 -31.52 -19.61 -6.06
C ASN B 341 -32.16 -19.20 -4.76
N ASP B 342 -32.61 -20.18 -3.97
CA ASP B 342 -33.29 -19.92 -2.72
C ASP B 342 -32.37 -19.70 -1.53
N THR B 343 -31.09 -19.94 -1.71
CA THR B 343 -30.18 -19.74 -0.60
C THR B 343 -30.14 -18.32 -0.06
N ILE B 344 -30.08 -18.23 1.27
CA ILE B 344 -29.96 -16.95 1.91
C ILE B 344 -28.60 -17.04 2.53
N TYR B 345 -27.74 -16.11 2.15
CA TYR B 345 -26.35 -16.05 2.64
C TYR B 345 -26.17 -15.06 3.73
N HIS B 346 -27.07 -14.09 3.85
CA HIS B 346 -26.82 -13.08 4.90
C HIS B 346 -27.01 -13.53 6.35
N ASP B 347 -26.39 -12.81 7.28
CA ASP B 347 -26.48 -13.16 8.70
C ASP B 347 -27.93 -13.04 9.17
N ASN B 348 -28.42 -13.97 9.98
CA ASN B 348 -29.80 -13.86 10.47
C ASN B 348 -29.81 -13.96 11.99
N MET C 1 44.21 25.38 4.49
CA MET C 1 44.85 24.10 4.08
C MET C 1 43.79 23.01 4.14
N PHE C 2 43.23 22.67 2.98
CA PHE C 2 42.19 21.66 2.94
C PHE C 2 42.68 20.24 3.19
N GLN C 3 43.90 19.89 2.80
CA GLN C 3 44.25 18.48 2.97
C GLN C 3 44.01 17.86 4.36
N PRO C 4 44.35 18.55 5.44
CA PRO C 4 44.06 17.82 6.69
C PRO C 4 42.55 17.64 7.00
N LEU C 5 41.75 18.59 6.52
CA LEU C 5 40.27 18.47 6.69
C LEU C 5 39.76 17.27 5.90
N LEU C 6 40.28 17.09 4.67
CA LEU C 6 39.88 15.94 3.86
C LEU C 6 40.30 14.61 4.53
N ASP C 7 41.54 14.59 5.07
CA ASP C 7 42.03 13.41 5.77
C ASP C 7 41.11 13.07 6.94
N ALA C 8 40.67 14.09 7.67
CA ALA C 8 39.78 13.73 8.79
C ALA C 8 38.42 13.25 8.29
N TYR C 9 37.94 13.87 7.20
CA TYR C 9 36.64 13.49 6.66
C TYR C 9 36.70 12.03 6.21
N VAL C 10 37.75 11.71 5.48
CA VAL C 10 37.91 10.37 4.99
C VAL C 10 37.96 9.40 6.18
N GLU C 11 38.72 9.73 7.20
CA GLU C 11 38.72 8.87 8.38
C GLU C 11 37.30 8.77 8.98
N SER C 12 36.55 9.87 8.99
CA SER C 12 35.18 9.84 9.59
C SER C 12 34.24 9.00 8.75
N ALA C 13 34.63 8.72 7.51
CA ALA C 13 33.82 7.91 6.62
C ALA C 13 34.18 6.42 6.68
N SER C 14 35.08 6.05 7.58
CA SER C 14 35.50 4.66 7.70
C SER C 14 34.53 3.80 8.46
N ILE C 15 33.96 2.78 7.82
CA ILE C 15 33.07 1.82 8.50
C ILE C 15 33.47 0.41 8.01
N GLU C 16 33.02 -0.62 8.71
CA GLU C 16 33.35 -2.01 8.32
C GLU C 16 32.63 -2.47 7.06
N LYS C 17 33.22 -3.46 6.39
CA LYS C 17 32.66 -4.02 5.16
C LYS C 17 31.25 -4.58 5.44
N MET C 18 30.40 -4.62 4.42
CA MET C 18 29.02 -5.12 4.62
C MET C 18 28.94 -6.55 5.17
N ALA C 19 28.47 -6.70 6.41
CA ALA C 19 28.30 -8.04 7.00
C ALA C 19 27.30 -8.70 6.04
N SER C 20 26.02 -8.39 6.21
CA SER C 20 24.95 -8.94 5.34
C SER C 20 25.50 -9.11 3.90
N LYS C 21 25.06 -10.15 3.20
CA LYS C 21 25.58 -10.36 1.84
C LYS C 21 24.96 -9.34 0.85
N SER C 22 23.68 -9.03 1.06
CA SER C 22 22.96 -8.07 0.25
C SER C 22 22.15 -7.23 1.24
N PRO C 23 22.44 -5.93 1.28
CA PRO C 23 21.77 -4.98 2.18
C PRO C 23 20.26 -5.03 2.22
N PRO C 24 19.71 -5.14 3.42
CA PRO C 24 18.26 -5.19 3.62
C PRO C 24 17.51 -4.01 3.01
N PRO C 25 16.25 -4.19 2.63
CA PRO C 25 15.55 -3.04 2.02
C PRO C 25 15.12 -1.93 2.98
N LEU C 26 15.16 -0.71 2.48
CA LEU C 26 14.73 0.49 3.20
C LEU C 26 13.91 1.33 2.20
N LYS C 27 12.63 1.55 2.49
CA LYS C 27 11.74 2.34 1.63
C LYS C 27 11.62 3.68 2.33
N ILE C 28 11.95 4.73 1.59
CA ILE C 28 11.90 6.05 2.18
C ILE C 28 10.97 6.93 1.31
N ALA C 29 9.91 7.46 1.94
CA ALA C 29 9.02 8.33 1.22
C ALA C 29 9.62 9.76 1.22
N VAL C 30 9.61 10.41 0.06
CA VAL C 30 10.17 11.76 -0.08
C VAL C 30 9.14 12.71 -0.68
N ALA C 31 9.57 13.97 -0.89
CA ALA C 31 8.67 15.03 -1.41
C ALA C 31 7.91 14.62 -2.68
N ASN C 32 6.59 14.72 -2.63
CA ASN C 32 5.76 14.35 -3.79
C ASN C 32 6.02 15.24 -5.00
N TRP C 33 6.50 16.47 -4.77
CA TRP C 33 6.76 17.42 -5.85
C TRP C 33 8.08 17.24 -6.58
N TRP C 34 9.03 16.53 -5.97
CA TRP C 34 10.32 16.35 -6.61
C TRP C 34 10.21 15.71 -8.00
N GLY C 35 11.06 16.19 -8.89
CA GLY C 35 11.14 15.66 -10.23
C GLY C 35 12.45 14.90 -10.19
N ASP C 36 12.89 14.37 -11.34
CA ASP C 36 14.12 13.59 -11.35
C ASP C 36 15.37 14.39 -11.01
N GLU C 37 15.27 15.70 -11.07
CA GLU C 37 16.37 16.58 -10.70
C GLU C 37 16.64 16.55 -9.17
N GLU C 38 15.56 16.66 -8.39
CA GLU C 38 15.70 16.64 -6.94
C GLU C 38 16.08 15.24 -6.44
N ILE C 39 15.56 14.24 -7.13
CA ILE C 39 15.81 12.83 -6.78
C ILE C 39 17.29 12.55 -6.99
N LYS C 40 17.84 12.91 -8.16
CA LYS C 40 19.30 12.68 -8.45
C LYS C 40 20.14 13.42 -7.39
N GLU C 41 19.70 14.61 -7.04
CA GLU C 41 20.37 15.40 -6.03
C GLU C 41 20.35 14.62 -4.70
N PHE C 42 19.20 14.08 -4.35
CA PHE C 42 19.06 13.34 -3.09
C PHE C 42 19.87 12.05 -3.12
N LYS C 43 19.87 11.38 -4.27
CA LYS C 43 20.62 10.13 -4.42
C LYS C 43 22.13 10.38 -4.35
N ASN C 44 22.55 11.63 -4.53
CA ASN C 44 23.99 11.93 -4.42
C ASN C 44 24.37 12.68 -3.11
N SER C 45 23.40 12.94 -2.23
CA SER C 45 23.61 13.59 -0.95
C SER C 45 24.35 12.62 -0.02
N VAL C 46 25.02 13.17 0.97
CA VAL C 46 25.79 12.31 1.89
C VAL C 46 24.89 11.37 2.71
N LEU C 47 23.72 11.84 3.14
CA LEU C 47 22.87 10.95 3.91
C LEU C 47 22.47 9.69 3.10
N TYR C 48 22.10 9.87 1.85
CA TYR C 48 21.70 8.70 1.00
C TYR C 48 22.95 7.81 0.77
N PHE C 49 24.07 8.44 0.52
CA PHE C 49 25.33 7.74 0.33
C PHE C 49 25.62 6.84 1.52
N ILE C 50 25.52 7.38 2.71
CA ILE C 50 25.84 6.60 3.90
C ILE C 50 24.85 5.46 4.09
N LEU C 51 23.55 5.75 3.98
CA LEU C 51 22.59 4.67 4.15
C LEU C 51 22.75 3.58 3.10
N SER C 52 23.09 3.94 1.86
CA SER C 52 23.23 2.94 0.80
C SER C 52 24.38 1.96 1.12
N GLN C 53 25.26 2.31 2.05
CA GLN C 53 26.34 1.41 2.41
C GLN C 53 25.75 0.28 3.25
N ARG C 54 24.55 0.47 3.82
CA ARG C 54 23.95 -0.59 4.66
C ARG C 54 22.54 -1.04 4.28
N TYR C 55 21.89 -0.38 3.31
CA TYR C 55 20.52 -0.76 2.95
C TYR C 55 20.31 -0.64 1.47
N THR C 56 19.32 -1.37 0.95
CA THR C 56 18.98 -1.24 -0.46
C THR C 56 17.78 -0.33 -0.41
N ILE C 57 18.05 0.91 -0.74
CA ILE C 57 17.10 1.97 -0.71
C ILE C 57 16.16 2.12 -1.88
N THR C 58 14.86 2.20 -1.59
CA THR C 58 13.86 2.47 -2.59
C THR C 58 13.15 3.77 -2.15
N LEU C 59 12.92 4.73 -3.07
CA LEU C 59 12.22 5.99 -2.79
C LEU C 59 10.75 5.88 -3.19
N HIS C 60 9.84 6.45 -2.40
CA HIS C 60 8.39 6.45 -2.72
C HIS C 60 7.81 7.87 -2.80
N GLN C 61 7.03 8.15 -3.84
CA GLN C 61 6.36 9.43 -3.91
C GLN C 61 4.84 9.23 -4.04
N ASN C 62 4.37 7.98 -3.99
CA ASN C 62 2.94 7.73 -4.09
C ASN C 62 2.40 7.96 -2.70
N PRO C 63 1.40 8.83 -2.55
CA PRO C 63 0.90 9.02 -1.18
C PRO C 63 0.08 7.82 -0.66
N ASN C 64 -0.24 6.85 -1.52
CA ASN C 64 -0.95 5.68 -1.04
C ASN C 64 -0.03 4.43 -0.98
N GLU C 65 1.20 4.61 -0.47
CA GLU C 65 2.12 3.47 -0.32
C GLU C 65 2.69 3.55 1.09
N PHE C 66 3.02 2.37 1.63
CA PHE C 66 3.56 2.28 2.95
C PHE C 66 5.03 2.55 2.78
N SER C 67 5.68 3.04 3.85
CA SER C 67 7.14 3.24 3.76
C SER C 67 7.69 2.97 5.13
N ASP C 68 8.99 2.71 5.23
CA ASP C 68 9.68 2.57 6.54
C ASP C 68 9.91 3.93 7.22
N LEU C 69 10.34 4.90 6.42
CA LEU C 69 10.58 6.27 6.89
C LEU C 69 9.89 7.29 5.94
N VAL C 70 9.48 8.44 6.50
CA VAL C 70 8.96 9.55 5.68
C VAL C 70 10.08 10.57 6.01
N PHE C 71 10.71 11.14 5.01
CA PHE C 71 11.89 12.03 5.27
C PHE C 71 11.79 13.39 4.58
N GLY C 72 12.04 14.49 5.30
CA GLY C 72 12.01 15.84 4.69
C GLY C 72 11.30 16.83 5.56
N ASN C 73 10.65 17.80 4.93
CA ASN C 73 9.89 18.80 5.70
C ASN C 73 8.75 19.34 4.85
N PRO C 74 7.72 18.50 4.58
CA PRO C 74 6.61 18.97 3.76
C PRO C 74 5.85 20.21 4.27
N LEU C 75 5.43 21.03 3.31
CA LEU C 75 4.69 22.22 3.63
C LEU C 75 3.29 22.09 3.01
N GLY C 76 2.41 23.05 3.29
CA GLY C 76 1.06 23.02 2.73
C GLY C 76 0.25 21.73 2.86
N SER C 77 -0.37 21.34 1.75
CA SER C 77 -1.18 20.12 1.74
C SER C 77 -0.33 18.91 2.06
N ALA C 78 0.91 18.90 1.60
CA ALA C 78 1.80 17.77 1.86
C ALA C 78 2.07 17.66 3.35
N ARG C 79 1.99 18.78 4.07
CA ARG C 79 2.22 18.70 5.52
C ARG C 79 1.03 18.04 6.25
N LYS C 80 -0.19 18.39 5.85
CA LYS C 80 -1.38 17.81 6.47
C LYS C 80 -1.40 16.31 6.18
N ILE C 81 -0.93 15.92 5.01
CA ILE C 81 -0.89 14.48 4.64
C ILE C 81 0.07 13.74 5.58
N LEU C 82 1.22 14.38 5.80
CA LEU C 82 2.26 13.85 6.66
C LEU C 82 1.67 13.34 7.96
N SER C 83 0.91 14.23 8.60
CA SER C 83 0.34 13.98 9.90
C SER C 83 -0.49 12.65 10.02
N TYR C 84 -0.85 12.06 8.87
CA TYR C 84 -1.62 10.79 8.78
C TYR C 84 -0.77 9.56 8.44
N GLN C 85 0.48 9.77 8.10
CA GLN C 85 1.31 8.62 7.75
C GLN C 85 1.88 7.80 8.95
N ASN C 86 1.62 6.48 8.93
CA ASN C 86 2.08 5.60 10.03
C ASN C 86 3.46 5.03 9.69
N ALA C 87 4.43 5.94 9.66
CA ALA C 87 5.81 5.54 9.39
C ALA C 87 6.57 6.44 10.32
N LYS C 88 7.82 6.12 10.50
CA LYS C 88 8.63 6.88 11.38
C LYS C 88 8.95 8.12 10.52
N ARG C 89 8.58 9.29 11.00
CA ARG C 89 8.80 10.57 10.28
C ARG C 89 10.09 11.20 10.73
N VAL C 90 10.94 11.55 9.77
CA VAL C 90 12.24 12.15 10.07
C VAL C 90 12.30 13.50 9.39
N PHE C 91 12.42 14.53 10.20
CA PHE C 91 12.58 15.91 9.74
C PHE C 91 14.02 16.14 9.24
N TYR C 92 14.11 16.79 8.09
CA TYR C 92 15.40 17.14 7.52
C TYR C 92 15.18 18.29 6.52
N THR C 93 15.93 19.38 6.67
CA THR C 93 15.78 20.47 5.70
C THR C 93 17.16 21.14 5.58
N GLY C 94 17.38 21.82 4.48
CA GLY C 94 18.67 22.51 4.44
C GLY C 94 18.58 23.94 5.01
N GLU C 95 17.37 24.34 5.41
CA GLU C 95 17.11 25.68 5.95
C GLU C 95 17.52 25.86 7.41
N ASN C 96 17.64 27.11 7.81
CA ASN C 96 17.98 27.46 9.17
C ASN C 96 16.62 27.38 9.88
N GLU C 97 16.18 26.17 10.19
CA GLU C 97 14.84 25.97 10.82
C GLU C 97 14.89 24.82 11.83
N SER C 98 14.41 25.03 13.06
CA SER C 98 14.37 23.99 14.09
C SER C 98 13.16 23.08 13.85
N PRO C 99 13.27 21.78 14.21
CA PRO C 99 12.19 20.78 13.99
C PRO C 99 10.98 20.91 14.83
N ASN C 100 9.86 20.37 14.34
CA ASN C 100 8.61 20.36 15.09
C ASN C 100 8.53 18.90 15.62
N PHE C 101 8.87 18.71 16.88
CA PHE C 101 8.88 17.34 17.48
C PHE C 101 7.49 16.75 17.71
N ASN C 102 6.46 17.58 17.59
CA ASN C 102 5.09 17.05 17.70
C ASN C 102 4.75 16.29 16.41
N LEU C 103 5.14 16.84 15.27
CA LEU C 103 4.87 16.24 13.97
C LEU C 103 5.84 15.16 13.54
N PHE C 104 7.10 15.29 13.93
CA PHE C 104 8.18 14.34 13.52
C PHE C 104 8.76 13.50 14.64
N ASP C 105 8.93 12.23 14.39
CA ASP C 105 9.49 11.35 15.41
C ASP C 105 10.96 11.60 15.65
N TYR C 106 11.66 11.85 14.58
CA TYR C 106 13.10 12.09 14.62
C TYR C 106 13.44 13.33 13.80
N ALA C 107 14.66 13.84 13.98
CA ALA C 107 15.04 15.02 13.20
C ALA C 107 16.53 15.06 13.05
N ILE C 108 16.98 15.56 11.91
CA ILE C 108 18.44 15.69 11.69
C ILE C 108 18.57 17.20 11.40
N GLY C 109 19.46 17.91 12.07
CA GLY C 109 19.54 19.34 11.79
C GLY C 109 20.84 19.95 12.17
N PHE C 110 20.82 21.25 12.36
CA PHE C 110 22.03 22.00 12.73
C PHE C 110 21.97 22.44 14.19
N ASP C 111 20.80 22.38 14.83
CA ASP C 111 20.73 22.91 16.18
C ASP C 111 21.59 22.19 17.20
N GLU C 112 22.07 22.93 18.21
CA GLU C 112 22.93 22.37 19.28
C GLU C 112 21.98 21.90 20.40
N LEU C 113 21.33 20.78 20.15
CA LEU C 113 20.35 20.31 21.03
C LEU C 113 20.54 18.81 21.24
N ASP C 114 20.19 18.32 22.40
CA ASP C 114 20.32 16.88 22.66
C ASP C 114 18.90 16.38 23.04
N PHE C 115 18.37 15.48 22.25
CA PHE C 115 17.02 14.98 22.57
C PHE C 115 17.15 13.47 22.57
N ASN C 116 18.19 12.97 23.23
CA ASN C 116 18.39 11.50 23.30
C ASN C 116 18.42 10.88 21.88
N ASP C 117 17.58 9.87 21.65
CA ASP C 117 17.54 9.22 20.37
C ASP C 117 16.76 9.97 19.30
N ARG C 118 16.09 11.07 19.64
CA ARG C 118 15.27 11.71 18.63
C ARG C 118 15.92 12.73 17.74
N TYR C 119 17.18 13.07 18.04
CA TYR C 119 17.79 14.12 17.29
C TYR C 119 19.25 13.87 16.99
N LEU C 120 19.65 14.21 15.78
CA LEU C 120 21.03 14.09 15.35
C LEU C 120 21.46 15.40 14.71
N ARG C 121 22.62 15.94 15.09
CA ARG C 121 23.13 17.15 14.41
C ARG C 121 24.04 16.67 13.26
N MET C 122 23.67 17.02 12.04
CA MET C 122 24.48 16.70 10.86
C MET C 122 24.43 17.98 10.01
N PRO C 123 25.38 18.91 10.24
CA PRO C 123 25.37 20.15 9.46
C PRO C 123 25.61 19.98 7.96
N LEU C 124 25.18 20.97 7.19
CA LEU C 124 25.36 20.87 5.75
C LEU C 124 26.85 20.85 5.35
N TYR C 125 27.71 21.40 6.19
CA TYR C 125 29.12 21.35 5.77
C TYR C 125 29.56 19.89 5.58
N TYR C 126 28.92 18.92 6.23
CA TYR C 126 29.37 17.50 6.10
C TYR C 126 29.00 16.98 4.74
N ASP C 127 27.79 17.35 4.29
CA ASP C 127 27.36 16.98 2.96
C ASP C 127 28.31 17.60 1.92
N ARG C 128 28.76 18.84 2.15
CA ARG C 128 29.63 19.50 1.17
C ARG C 128 30.99 18.73 1.10
N LEU C 129 31.50 18.31 2.26
CA LEU C 129 32.79 17.53 2.27
C LEU C 129 32.65 16.26 1.45
N HIS C 130 31.50 15.60 1.54
CA HIS C 130 31.19 14.41 0.74
C HIS C 130 31.30 14.72 -0.76
N HIS C 131 30.77 15.87 -1.21
CA HIS C 131 30.87 16.19 -2.62
C HIS C 131 32.35 16.58 -2.99
N LYS C 132 33.05 17.29 -2.10
CA LYS C 132 34.44 17.61 -2.41
C LYS C 132 35.24 16.30 -2.54
N ALA C 133 35.00 15.36 -1.60
CA ALA C 133 35.75 14.12 -1.63
C ALA C 133 35.55 13.38 -2.92
N GLU C 134 34.31 13.32 -3.41
CA GLU C 134 34.07 12.63 -4.65
C GLU C 134 34.76 13.29 -5.79
N SER C 135 34.80 14.64 -5.73
CA SER C 135 35.40 15.40 -6.81
C SER C 135 36.91 15.19 -6.86
N VAL C 136 37.58 14.83 -5.77
CA VAL C 136 39.03 14.60 -5.92
C VAL C 136 39.46 13.11 -6.09
N ASN C 137 38.50 12.24 -6.50
CA ASN C 137 38.81 10.84 -6.77
C ASN C 137 39.16 11.03 -8.25
N ASP C 138 40.33 11.62 -8.47
CA ASP C 138 40.74 12.00 -9.79
C ASP C 138 42.24 11.94 -9.76
N THR C 139 42.84 11.38 -10.79
CA THR C 139 44.29 11.26 -10.84
C THR C 139 45.07 12.56 -11.01
N THR C 140 44.39 13.66 -11.27
CA THR C 140 45.12 14.93 -11.44
C THR C 140 44.72 15.91 -10.33
N ALA C 141 43.91 15.48 -9.35
CA ALA C 141 43.49 16.39 -8.25
C ALA C 141 44.67 16.67 -7.32
N PRO C 142 44.75 17.87 -6.72
CA PRO C 142 45.82 18.27 -5.83
C PRO C 142 45.63 17.85 -4.39
N TYR C 143 44.53 17.17 -4.12
CA TYR C 143 44.25 16.64 -2.78
C TYR C 143 44.17 15.15 -2.94
N LYS C 144 44.68 14.46 -1.92
CA LYS C 144 44.78 13.00 -1.98
C LYS C 144 43.87 12.26 -1.03
N LEU C 145 43.26 11.20 -1.54
CA LEU C 145 42.38 10.32 -0.75
C LEU C 145 43.13 9.03 -0.32
N LYS C 146 43.06 8.64 0.96
CA LYS C 146 43.75 7.40 1.40
C LYS C 146 43.45 6.26 0.41
N ASP C 147 44.49 5.50 0.03
CA ASP C 147 44.30 4.40 -0.90
C ASP C 147 43.34 3.37 -0.36
N ASN C 148 42.55 2.82 -1.26
CA ASN C 148 41.57 1.80 -0.90
C ASN C 148 40.48 2.23 0.11
N SER C 149 40.28 3.54 0.29
CA SER C 149 39.21 4.03 1.19
C SER C 149 37.91 4.14 0.40
N LEU C 150 36.80 4.28 1.10
CA LEU C 150 35.50 4.31 0.41
C LEU C 150 35.40 5.23 -0.81
N TYR C 151 35.95 6.43 -0.73
CA TYR C 151 35.84 7.35 -1.87
C TYR C 151 36.78 7.06 -3.03
N ALA C 152 37.79 6.23 -2.78
CA ALA C 152 38.75 5.87 -3.83
C ALA C 152 38.40 4.55 -4.46
N LEU C 153 37.28 3.96 -4.08
CA LEU C 153 36.94 2.66 -4.68
C LEU C 153 36.41 2.80 -6.10
N LYS C 154 35.71 3.88 -6.37
CA LYS C 154 35.17 4.05 -7.70
C LYS C 154 36.38 4.40 -8.60
N LYS C 155 36.21 4.33 -9.92
CA LYS C 155 37.32 4.61 -10.83
C LYS C 155 37.56 6.11 -10.90
N PRO C 156 38.82 6.57 -10.77
CA PRO C 156 39.05 8.02 -10.82
C PRO C 156 38.85 8.70 -12.15
N SER C 157 38.57 10.00 -12.10
CA SER C 157 38.41 10.78 -13.33
C SER C 157 39.83 11.38 -13.54
N HIS C 158 40.03 12.16 -14.59
CA HIS C 158 41.35 12.69 -14.86
C HIS C 158 41.24 14.09 -15.39
N CYS C 159 40.14 14.76 -15.04
CA CYS C 159 39.87 16.10 -15.53
C CYS C 159 40.00 17.20 -14.49
N PHE C 160 40.26 16.84 -13.22
CA PHE C 160 40.28 17.91 -12.22
C PHE C 160 41.23 19.09 -12.51
N LYS C 161 42.47 18.78 -12.86
CA LYS C 161 43.48 19.81 -13.07
C LYS C 161 43.11 20.73 -14.20
N GLU C 162 42.61 20.13 -15.30
CA GLU C 162 42.12 20.87 -16.50
C GLU C 162 41.01 21.86 -16.12
N LYS C 163 40.16 21.48 -15.18
CA LYS C 163 39.07 22.38 -14.84
C LYS C 163 39.39 23.30 -13.67
N HIS C 164 40.55 23.12 -13.04
CA HIS C 164 40.89 23.99 -11.92
C HIS C 164 42.41 24.21 -11.93
N PRO C 165 42.91 24.84 -13.01
CA PRO C 165 44.37 25.10 -13.11
C PRO C 165 44.98 25.91 -12.00
N ASN C 166 44.41 27.08 -11.71
CA ASN C 166 44.93 27.91 -10.65
C ASN C 166 44.82 27.24 -9.26
N LEU C 167 43.71 26.56 -8.95
CA LEU C 167 43.62 25.96 -7.61
C LEU C 167 44.72 24.88 -7.41
N CYS C 168 44.95 24.08 -8.42
CA CYS C 168 46.00 23.05 -8.35
C CYS C 168 47.35 23.73 -8.20
N ALA C 169 47.59 24.81 -8.98
CA ALA C 169 48.90 25.51 -8.88
C ALA C 169 49.19 26.07 -7.49
N VAL C 170 48.23 26.75 -6.88
CA VAL C 170 48.51 27.32 -5.59
C VAL C 170 48.58 26.24 -4.55
N VAL C 171 47.77 25.20 -4.68
CA VAL C 171 47.86 24.12 -3.72
C VAL C 171 49.20 23.32 -3.87
N ASN C 172 49.66 23.09 -5.10
CA ASN C 172 50.91 22.37 -5.40
C ASN C 172 52.18 23.27 -5.25
N ASP C 173 52.00 24.42 -4.65
CA ASP C 173 53.11 25.35 -4.43
C ASP C 173 53.75 25.82 -5.73
N GLU C 174 52.97 25.88 -6.80
CA GLU C 174 53.49 26.32 -8.09
C GLU C 174 53.22 27.80 -8.27
N SER C 175 52.31 28.34 -7.46
CA SER C 175 51.99 29.75 -7.53
C SER C 175 52.00 30.26 -6.12
N ASP C 176 52.29 31.53 -5.95
CA ASP C 176 52.36 32.16 -4.62
C ASP C 176 50.95 32.68 -4.20
N PRO C 177 50.45 32.21 -3.04
CA PRO C 177 49.13 32.61 -2.51
C PRO C 177 49.01 34.08 -2.17
N LEU C 178 50.16 34.77 -2.07
CA LEU C 178 50.10 36.17 -1.75
C LEU C 178 49.89 36.89 -3.04
N LYS C 179 50.25 36.27 -4.14
CA LYS C 179 50.09 36.97 -5.43
C LYS C 179 48.72 36.66 -6.04
N ARG C 180 47.67 37.14 -5.37
CA ARG C 180 46.28 36.91 -5.77
C ARG C 180 45.41 38.14 -5.51
N GLY C 181 44.23 38.17 -6.09
CA GLY C 181 43.33 39.30 -5.82
C GLY C 181 42.98 39.31 -4.30
N PHE C 182 42.31 40.36 -3.87
CA PHE C 182 41.98 40.49 -2.45
C PHE C 182 40.90 39.51 -1.92
N ALA C 183 39.67 39.60 -2.45
CA ALA C 183 38.63 38.75 -1.90
C ALA C 183 37.48 38.53 -2.83
N SER C 184 36.86 37.38 -2.72
CA SER C 184 35.75 37.02 -3.58
C SER C 184 34.49 37.00 -2.72
N PHE C 185 33.33 37.08 -3.39
CA PHE C 185 32.07 37.08 -2.71
C PHE C 185 31.16 36.44 -3.75
N VAL C 186 30.59 35.26 -3.43
CA VAL C 186 29.71 34.57 -4.38
C VAL C 186 28.36 34.28 -3.72
N ALA C 187 27.36 35.11 -4.07
CA ALA C 187 26.03 34.98 -3.52
C ALA C 187 25.00 35.46 -4.53
N SER C 188 23.85 34.77 -4.55
CA SER C 188 22.78 35.11 -5.45
C SER C 188 21.46 35.25 -4.66
N ASN C 189 21.44 34.93 -3.38
CA ASN C 189 20.19 35.15 -2.60
C ASN C 189 20.33 36.63 -2.16
N PRO C 190 19.48 37.56 -2.64
CA PRO C 190 19.67 38.96 -2.19
C PRO C 190 19.13 39.29 -0.83
N ASN C 191 18.35 38.38 -0.25
CA ASN C 191 17.74 38.63 1.07
C ASN C 191 18.58 38.19 2.25
N ALA C 192 19.72 38.86 2.37
CA ALA C 192 20.69 38.64 3.45
C ALA C 192 21.33 40.02 3.69
N PRO C 193 20.60 40.93 4.34
CA PRO C 193 21.10 42.29 4.61
C PRO C 193 22.45 42.40 5.29
N ILE C 194 22.70 41.55 6.29
CA ILE C 194 23.97 41.63 7.04
C ILE C 194 25.15 41.34 6.13
N ARG C 195 24.98 40.34 5.29
CA ARG C 195 26.00 39.91 4.34
C ARG C 195 26.26 41.05 3.35
N ASN C 196 25.16 41.60 2.82
CA ASN C 196 25.29 42.70 1.82
C ASN C 196 25.98 43.96 2.39
N ALA C 197 25.65 44.31 3.62
CA ALA C 197 26.22 45.44 4.28
C ALA C 197 27.70 45.18 4.58
N PHE C 198 28.04 43.95 4.99
CA PHE C 198 29.41 43.65 5.25
C PHE C 198 30.18 43.74 3.96
N TYR C 199 29.61 43.22 2.86
CA TYR C 199 30.27 43.33 1.58
C TYR C 199 30.56 44.83 1.31
N ASP C 200 29.56 45.69 1.52
CA ASP C 200 29.73 47.11 1.26
C ASP C 200 30.81 47.71 2.08
N ALA C 201 30.82 47.41 3.37
CA ALA C 201 31.84 47.97 4.28
C ALA C 201 33.24 47.47 3.96
N LEU C 202 33.35 46.19 3.64
CA LEU C 202 34.64 45.67 3.33
C LEU C 202 35.09 46.15 1.95
N ASN C 203 34.12 46.30 1.05
CA ASN C 203 34.43 46.71 -0.31
C ASN C 203 34.86 48.19 -0.32
N SER C 204 34.23 48.97 0.56
CA SER C 204 34.57 50.38 0.71
C SER C 204 36.04 50.58 1.04
N ILE C 205 36.67 49.60 1.69
CA ILE C 205 38.07 49.69 2.09
C ILE C 205 39.03 49.07 1.13
N GLU C 206 38.59 48.04 0.41
CA GLU C 206 39.45 47.38 -0.56
C GLU C 206 38.46 46.65 -1.46
N PRO C 207 38.54 46.84 -2.79
CA PRO C 207 37.56 46.15 -3.64
C PRO C 207 37.44 44.65 -3.54
N VAL C 208 36.21 44.21 -3.35
CA VAL C 208 35.89 42.79 -3.26
C VAL C 208 35.24 42.37 -4.59
N THR C 209 35.71 41.27 -5.19
CA THR C 209 35.14 40.84 -6.48
C THR C 209 33.91 39.95 -6.30
N GLY C 210 32.77 40.36 -6.87
CA GLY C 210 31.53 39.57 -6.71
C GLY C 210 31.27 38.69 -7.92
N GLY C 211 31.07 37.39 -7.70
CA GLY C 211 30.89 36.46 -8.79
C GLY C 211 29.53 35.81 -8.94
N GLY C 212 28.61 36.16 -8.06
CA GLY C 212 27.25 35.65 -8.11
C GLY C 212 26.38 36.85 -8.52
N SER C 213 25.07 36.72 -8.38
CA SER C 213 24.08 37.75 -8.76
C SER C 213 24.13 38.99 -7.92
N VAL C 214 24.50 38.80 -6.65
CA VAL C 214 24.53 39.85 -5.66
C VAL C 214 25.88 40.57 -5.65
N ARG C 215 25.83 41.90 -5.74
CA ARG C 215 27.03 42.72 -5.76
C ARG C 215 28.02 42.21 -6.79
N ASN C 216 27.49 41.85 -7.94
CA ASN C 216 28.32 41.31 -8.99
C ASN C 216 29.30 42.31 -9.53
N THR C 217 30.56 41.93 -9.71
CA THR C 217 31.46 42.90 -10.32
C THR C 217 32.16 42.25 -11.52
N LEU C 218 32.10 40.92 -11.59
CA LEU C 218 32.73 40.25 -12.72
C LEU C 218 32.05 40.60 -14.06
N GLY C 219 30.74 40.86 -14.04
CA GLY C 219 30.07 41.12 -15.31
C GLY C 219 29.10 39.98 -15.57
N TYR C 220 29.43 38.76 -15.11
CA TYR C 220 28.52 37.63 -15.29
C TYR C 220 28.60 36.67 -14.08
N ASN C 221 27.75 35.68 -13.99
CA ASN C 221 27.84 34.80 -12.83
C ASN C 221 28.77 33.61 -13.05
N VAL C 222 29.78 33.43 -12.19
CA VAL C 222 30.70 32.32 -12.39
C VAL C 222 30.06 30.97 -12.26
N LYS C 223 30.61 30.06 -13.06
CA LYS C 223 30.16 28.69 -13.07
C LYS C 223 31.02 27.83 -12.09
N ASN C 224 32.33 27.93 -12.17
CA ASN C 224 33.20 27.11 -11.32
C ASN C 224 33.60 27.91 -10.07
N LYS C 225 32.80 27.77 -9.02
CA LYS C 225 33.07 28.53 -7.79
C LYS C 225 34.45 28.11 -7.20
N ASN C 226 34.77 26.82 -7.33
CA ASN C 226 36.04 26.27 -6.78
C ASN C 226 37.23 27.06 -7.36
N GLU C 227 37.27 27.18 -8.67
CA GLU C 227 38.39 27.84 -9.31
C GLU C 227 38.39 29.34 -9.04
N PHE C 228 37.23 30.00 -9.14
CA PHE C 228 37.14 31.42 -8.83
C PHE C 228 37.65 31.77 -7.42
N LEU C 229 37.29 30.98 -6.43
CA LEU C 229 37.74 31.31 -5.07
C LEU C 229 39.22 31.18 -4.89
N SER C 230 39.84 30.27 -5.63
CA SER C 230 41.30 30.05 -5.52
C SER C 230 42.09 31.24 -6.00
N GLN C 231 41.45 32.17 -6.71
CA GLN C 231 42.13 33.34 -7.26
C GLN C 231 42.15 34.56 -6.39
N TYR C 232 41.67 34.46 -5.14
CA TYR C 232 41.67 35.58 -4.21
C TYR C 232 42.22 35.13 -2.87
N LYS C 233 42.78 36.06 -2.09
CA LYS C 233 43.37 35.74 -0.78
C LYS C 233 42.34 35.40 0.32
N PHE C 234 41.15 36.00 0.20
CA PHE C 234 40.05 35.73 1.14
C PHE C 234 38.73 35.42 0.40
N ASN C 235 37.81 34.76 1.09
CA ASN C 235 36.46 34.54 0.53
C ASN C 235 35.45 35.08 1.59
N LEU C 236 34.63 36.05 1.19
CA LEU C 236 33.58 36.58 2.06
C LEU C 236 32.49 35.49 2.09
N CYS C 237 32.46 34.84 3.25
CA CYS C 237 31.71 33.62 3.55
C CYS C 237 30.60 33.72 4.62
N PHE C 238 29.53 34.45 4.33
CA PHE C 238 28.49 34.69 5.30
C PHE C 238 27.25 33.83 5.01
N GLU C 239 26.67 33.29 6.09
CA GLU C 239 25.43 32.48 6.01
C GLU C 239 24.34 33.53 5.75
N ASN C 240 23.18 33.09 5.24
CA ASN C 240 22.09 34.04 4.96
C ASN C 240 21.42 34.51 6.22
N THR C 241 21.62 33.81 7.33
CA THR C 241 20.97 34.16 8.59
C THR C 241 21.80 33.59 9.72
N GLN C 242 21.59 34.11 10.91
CA GLN C 242 22.35 33.67 12.08
C GLN C 242 21.54 32.55 12.74
N GLY C 243 22.23 31.44 13.08
CA GLY C 243 21.53 30.38 13.82
C GLY C 243 22.67 29.63 14.54
N TYR C 244 22.51 29.31 15.82
CA TYR C 244 23.55 28.62 16.51
C TYR C 244 23.69 27.22 15.95
N GLY C 245 24.89 26.90 15.40
CA GLY C 245 25.11 25.60 14.81
C GLY C 245 24.86 25.60 13.32
N TYR C 246 24.39 26.72 12.77
CA TYR C 246 23.99 26.74 11.35
C TYR C 246 25.20 27.08 10.46
N VAL C 247 25.97 26.06 10.12
CA VAL C 247 27.19 26.16 9.33
C VAL C 247 26.98 25.30 8.06
N THR C 248 26.87 25.98 6.93
CA THR C 248 26.59 25.29 5.66
C THR C 248 27.82 24.98 4.83
N GLU C 249 27.63 24.82 3.51
CA GLU C 249 28.73 24.45 2.63
C GLU C 249 29.71 25.59 2.42
N LYS C 250 29.26 26.81 2.71
CA LYS C 250 30.09 27.96 2.41
C LYS C 250 31.52 27.94 2.93
N ILE C 251 31.72 27.63 4.22
CA ILE C 251 33.10 27.64 4.77
C ILE C 251 33.93 26.50 4.13
N ILE C 252 33.29 25.41 3.74
CA ILE C 252 34.00 24.31 3.13
C ILE C 252 34.51 24.74 1.79
N ASP C 253 33.72 25.53 1.06
CA ASP C 253 34.20 25.89 -0.27
C ASP C 253 35.43 26.78 -0.12
N ALA C 254 35.49 27.60 0.92
CA ALA C 254 36.68 28.48 1.07
C ALA C 254 37.91 27.62 1.43
N TYR C 255 37.78 26.69 2.38
CA TYR C 255 38.97 25.83 2.69
C TYR C 255 39.38 25.08 1.43
N PHE C 256 38.40 24.46 0.78
CA PHE C 256 38.71 23.71 -0.42
C PHE C 256 39.43 24.54 -1.49
N SER C 257 39.08 25.82 -1.58
CA SER C 257 39.70 26.66 -2.58
C SER C 257 41.01 27.36 -2.11
N HIS C 258 41.55 26.93 -0.98
CA HIS C 258 42.83 27.47 -0.48
C HIS C 258 42.73 28.97 -0.34
N THR C 259 41.69 29.44 0.33
CA THR C 259 41.52 30.87 0.45
C THR C 259 41.00 31.07 1.87
N ILE C 260 41.24 32.23 2.45
CA ILE C 260 40.85 32.39 3.85
C ILE C 260 39.35 32.77 4.00
N PRO C 261 38.58 31.99 4.78
CA PRO C 261 37.16 32.37 4.93
C PRO C 261 37.02 33.55 5.87
N ILE C 262 36.12 34.49 5.53
CA ILE C 262 35.75 35.60 6.41
C ILE C 262 34.29 35.13 6.71
N TYR C 263 34.11 34.62 7.93
CA TYR C 263 32.89 33.95 8.32
C TYR C 263 31.97 34.62 9.27
N TRP C 264 30.65 34.48 9.00
CA TRP C 264 29.63 34.99 9.88
C TRP C 264 28.39 34.10 9.68
N GLY C 265 27.73 33.74 10.77
CA GLY C 265 26.49 32.94 10.63
C GLY C 265 26.19 32.31 11.97
N SER C 266 26.82 31.16 12.18
CA SER C 266 26.73 30.48 13.49
C SER C 266 27.72 31.12 14.46
N PRO C 267 27.24 31.68 15.58
CA PRO C 267 28.16 32.29 16.55
C PRO C 267 29.00 31.23 17.27
N SER C 268 28.64 29.95 17.12
CA SER C 268 29.38 28.89 17.78
C SER C 268 30.24 28.14 16.77
N VAL C 269 30.53 28.77 15.64
CA VAL C 269 31.27 28.10 14.60
C VAL C 269 32.67 27.57 15.05
N ALA C 270 33.29 28.24 16.02
CA ALA C 270 34.60 27.83 16.54
C ALA C 270 34.49 26.44 17.18
N LYS C 271 33.29 25.96 17.48
CA LYS C 271 33.16 24.60 18.00
C LYS C 271 33.40 23.65 16.84
N ASP C 272 32.93 24.04 15.64
CA ASP C 272 33.10 23.16 14.51
C ASP C 272 34.48 23.26 13.81
N PHE C 273 35.02 24.46 13.73
CA PHE C 273 36.28 24.69 13.03
C PHE C 273 37.31 25.48 13.88
N ASN C 274 38.60 25.22 13.60
CA ASN C 274 39.70 25.89 14.30
C ASN C 274 39.65 27.40 14.06
N PRO C 275 39.36 28.22 15.10
CA PRO C 275 39.28 29.66 14.88
C PRO C 275 40.56 30.32 14.39
N LYS C 276 41.70 29.63 14.42
CA LYS C 276 42.93 30.30 13.89
C LYS C 276 43.01 30.12 12.37
N SER C 277 42.07 29.35 11.84
CA SER C 277 42.03 29.09 10.42
C SER C 277 41.08 29.94 9.64
N PHE C 278 40.41 30.88 10.29
CA PHE C 278 39.51 31.77 9.57
C PHE C 278 39.24 33.03 10.34
N VAL C 279 38.62 34.00 9.69
CA VAL C 279 38.32 35.21 10.39
C VAL C 279 36.88 34.99 10.87
N ASN C 280 36.65 35.02 12.19
CA ASN C 280 35.31 34.81 12.77
C ASN C 280 34.75 36.19 13.08
N VAL C 281 33.87 36.68 12.22
CA VAL C 281 33.33 38.03 12.47
C VAL C 281 32.67 38.08 13.82
N HIS C 282 32.09 36.95 14.26
CA HIS C 282 31.46 36.91 15.57
C HIS C 282 32.39 37.28 16.75
N ASP C 283 33.71 37.16 16.57
CA ASP C 283 34.64 37.53 17.67
C ASP C 283 34.74 39.00 17.91
N PHE C 284 34.20 39.80 17.00
CA PHE C 284 34.35 41.25 17.12
C PHE C 284 33.12 42.01 17.58
N LYS C 285 33.32 43.18 18.21
CA LYS C 285 32.22 44.02 18.72
C LYS C 285 31.45 44.60 17.57
N ASN C 286 32.11 44.80 16.45
CA ASN C 286 31.42 45.39 15.33
C ASN C 286 32.10 45.05 14.06
N PHE C 287 31.43 45.33 12.95
CA PHE C 287 32.05 44.98 11.68
C PHE C 287 33.35 45.74 11.40
N ASP C 288 33.41 46.99 11.79
CA ASP C 288 34.67 47.73 11.57
C ASP C 288 35.87 47.09 12.24
N GLU C 289 35.71 46.60 13.45
CA GLU C 289 36.85 45.93 14.11
C GLU C 289 37.24 44.69 13.29
N ALA C 290 36.26 44.02 12.67
CA ALA C 290 36.58 42.82 11.89
C ALA C 290 37.29 43.22 10.61
N ILE C 291 36.86 44.31 10.01
CA ILE C 291 37.50 44.75 8.78
C ILE C 291 38.96 45.17 9.07
N ASP C 292 39.18 45.80 10.25
CA ASP C 292 40.54 46.20 10.64
C ASP C 292 41.42 44.97 10.71
N TYR C 293 40.89 43.87 11.26
CA TYR C 293 41.68 42.67 11.34
C TYR C 293 41.92 42.06 9.95
N ILE C 294 40.94 42.17 9.06
CA ILE C 294 41.15 41.64 7.71
C ILE C 294 42.26 42.46 7.02
N LYS C 295 42.21 43.77 7.25
CA LYS C 295 43.20 44.69 6.68
C LYS C 295 44.59 44.30 7.23
N TYR C 296 44.70 44.01 8.52
CA TYR C 296 45.99 43.59 9.08
C TYR C 296 46.49 42.27 8.42
N LEU C 297 45.60 41.29 8.22
CA LEU C 297 46.02 40.05 7.57
C LEU C 297 46.44 40.27 6.12
N HIS C 298 45.73 41.15 5.43
CA HIS C 298 46.00 41.40 4.05
C HIS C 298 47.35 42.12 3.81
N THR C 299 47.87 42.73 4.88
CA THR C 299 49.13 43.45 4.83
C THR C 299 50.27 42.89 5.71
N HIS C 300 50.07 41.76 6.37
CA HIS C 300 51.12 41.13 7.16
C HIS C 300 51.16 39.68 6.64
N LYS C 301 52.06 39.46 5.68
CA LYS C 301 52.15 38.16 5.05
C LYS C 301 52.30 36.96 5.94
N ASN C 302 53.12 37.03 6.99
CA ASN C 302 53.25 35.85 7.83
C ASN C 302 51.97 35.54 8.61
N ALA C 303 51.26 36.58 9.03
CA ALA C 303 50.02 36.36 9.77
C ALA C 303 49.00 35.73 8.81
N TYR C 304 48.99 36.19 7.56
CA TYR C 304 48.11 35.65 6.52
C TYR C 304 48.43 34.20 6.22
N LEU C 305 49.71 33.89 5.90
CA LEU C 305 50.06 32.49 5.63
C LEU C 305 49.83 31.59 6.87
N ASP C 306 50.04 32.13 8.07
CA ASP C 306 49.80 31.33 9.24
C ASP C 306 48.29 30.83 9.27
N MET C 307 47.37 31.74 8.98
CA MET C 307 45.94 31.38 8.99
C MET C 307 45.62 30.44 7.84
N LEU C 308 46.14 30.77 6.65
CA LEU C 308 45.92 29.93 5.46
C LEU C 308 46.39 28.49 5.66
N TYR C 309 47.43 28.34 6.47
CA TYR C 309 47.96 27.01 6.65
C TYR C 309 47.51 26.29 7.89
N GLU C 310 46.83 26.97 8.81
CA GLU C 310 46.29 26.28 10.00
C GLU C 310 45.36 25.13 9.60
N ASN C 311 45.26 24.10 10.44
CA ASN C 311 44.38 22.98 10.16
C ASN C 311 42.94 23.56 10.29
N PRO C 312 42.04 23.26 9.32
CA PRO C 312 40.69 23.82 9.46
C PRO C 312 39.97 23.30 10.73
N LEU C 313 40.36 22.12 11.22
CA LEU C 313 39.70 21.52 12.36
C LEU C 313 40.44 21.72 13.66
N ASN C 314 39.69 21.68 14.76
CA ASN C 314 40.27 21.75 16.08
C ASN C 314 40.96 20.39 16.25
N THR C 315 41.89 20.30 17.19
CA THR C 315 42.60 19.04 17.43
C THR C 315 42.63 18.83 18.93
N LEU C 316 42.59 17.59 19.37
CA LEU C 316 42.69 17.30 20.80
C LEU C 316 43.79 16.24 20.87
N ASP C 317 44.86 16.56 21.61
CA ASP C 317 46.00 15.64 21.74
C ASP C 317 46.60 15.37 20.36
N GLY C 318 46.69 16.43 19.55
CA GLY C 318 47.25 16.29 18.21
C GLY C 318 46.34 15.71 17.13
N LYS C 319 45.22 15.10 17.52
CA LYS C 319 44.26 14.46 16.59
C LYS C 319 43.12 15.39 16.19
N ALA C 320 42.98 15.65 14.88
CA ALA C 320 41.88 16.51 14.40
C ALA C 320 40.56 15.81 14.67
N TYR C 321 39.52 16.59 14.96
CA TYR C 321 38.22 15.97 15.20
C TYR C 321 37.08 16.82 14.65
N PHE C 322 35.94 16.17 14.37
CA PHE C 322 34.72 16.89 13.97
C PHE C 322 33.97 17.10 15.30
N TYR C 323 33.41 18.28 15.50
CA TYR C 323 32.67 18.56 16.72
C TYR C 323 31.68 17.41 16.95
N GLN C 324 31.65 16.92 18.18
CA GLN C 324 30.83 15.78 18.59
C GLN C 324 31.01 14.51 17.79
N ASN C 325 32.21 14.37 17.23
CA ASN C 325 32.53 13.16 16.46
C ASN C 325 31.50 12.75 15.40
N LEU C 326 31.06 13.70 14.62
CA LEU C 326 30.17 13.38 13.53
C LEU C 326 30.99 12.42 12.66
N SER C 327 30.34 11.37 12.19
CA SER C 327 30.95 10.32 11.38
C SER C 327 29.89 9.46 10.72
N PHE C 328 30.30 8.63 9.74
CA PHE C 328 29.36 7.72 9.12
C PHE C 328 28.87 6.74 10.21
N LYS C 329 29.73 6.35 11.16
CA LYS C 329 29.27 5.42 12.20
C LYS C 329 28.21 6.07 13.10
N LYS C 330 28.39 7.36 13.46
CA LYS C 330 27.41 8.06 14.29
C LYS C 330 26.09 8.13 13.52
N ILE C 331 26.17 8.42 12.23
CA ILE C 331 24.97 8.56 11.45
C ILE C 331 24.27 7.24 11.24
N LEU C 332 25.01 6.18 10.91
CA LEU C 332 24.38 4.87 10.75
C LEU C 332 23.80 4.36 12.07
N ALA C 333 24.46 4.65 13.20
CA ALA C 333 23.94 4.22 14.50
C ALA C 333 22.63 4.93 14.74
N PHE C 334 22.57 6.20 14.37
CA PHE C 334 21.33 6.94 14.59
C PHE C 334 20.17 6.26 13.83
N PHE C 335 20.37 5.93 12.54
CA PHE C 335 19.35 5.24 11.77
C PHE C 335 19.01 3.82 12.21
N LYS C 336 20.01 3.08 12.62
CA LYS C 336 19.77 1.72 13.13
C LYS C 336 18.83 1.80 14.34
N THR C 337 19.09 2.77 15.20
CA THR C 337 18.27 2.95 16.40
C THR C 337 16.84 3.32 15.99
N ILE C 338 16.69 4.19 14.99
CA ILE C 338 15.36 4.60 14.51
C ILE C 338 14.62 3.36 14.01
N LEU C 339 15.32 2.57 13.19
CA LEU C 339 14.67 1.44 12.57
C LEU C 339 14.32 0.36 13.54
N GLU C 340 15.10 0.21 14.62
CA GLU C 340 14.78 -0.83 15.58
C GLU C 340 13.88 -0.40 16.68
N ASN C 341 13.62 0.91 16.83
CA ASN C 341 12.80 1.36 17.89
C ASN C 341 11.38 1.53 17.34
N ASP C 342 10.42 0.83 17.95
CA ASP C 342 9.07 0.88 17.47
C ASP C 342 8.17 1.87 18.18
N THR C 343 8.72 2.64 19.09
CA THR C 343 7.90 3.65 19.76
C THR C 343 7.46 4.79 18.84
N ILE C 344 6.17 5.15 18.86
CA ILE C 344 5.72 6.28 18.09
C ILE C 344 5.83 7.54 18.92
N TYR C 345 6.67 8.48 18.51
CA TYR C 345 6.82 9.76 19.25
C TYR C 345 5.89 10.82 18.72
N HIS C 346 5.55 10.78 17.42
CA HIS C 346 4.68 11.83 16.90
C HIS C 346 3.27 11.75 17.45
N ASP C 347 2.58 12.88 17.44
CA ASP C 347 1.19 12.98 17.89
C ASP C 347 0.41 11.87 17.16
N ASN C 348 -0.24 11.00 17.94
CA ASN C 348 -0.94 9.81 17.40
C ASN C 348 -2.27 9.85 18.09
N PRO C 349 -3.06 10.86 17.81
CA PRO C 349 -4.38 10.99 18.47
C PRO C 349 -5.41 9.92 18.08
N PHE C 350 -6.46 9.80 18.90
CA PHE C 350 -7.57 8.90 18.58
C PHE C 350 -8.57 9.77 17.80
#